data_9EVC
#
_entry.id   9EVC
#
_cell.length_a   1.00
_cell.length_b   1.00
_cell.length_c   1.00
_cell.angle_alpha   90.00
_cell.angle_beta   90.00
_cell.angle_gamma   90.00
#
_symmetry.space_group_name_H-M   'P 1'
#
loop_
_entity.id
_entity.type
_entity.pdbx_description
1 polymer 'Calcium-transporting ATPase lmo0841'
2 non-polymer 'CALCIUM ION'
#
_entity_poly.entity_id   1
_entity_poly.type   'polypeptide(L)'
_entity_poly.pdbx_seq_one_letter_code
;AEIYRKSAAETFTQLEATEKGLTTSEVTKRQEKYGFNELKNKKKDPLWKLFLETFKDPMVIVLVIAALVQLVLGEVVESL
IIFLVLIVNSIISVVQTRKAESSLDALREMSAPVAKVIRDGSKQSIHARELVPGDVVILDAGDFVPADGRLFESGSLKID
EGMLTGESEAVEKYIDTIPDEVGLGDRVNMVFSGSLVVYGRGMFVVTGTASETEIGKIAGLLETAEAKQTPLQRKLESFS
KKLGLGILALCVLIFAVEAGRVLLGDNSADMATAILNAFMFAVAVAVAAIPEALSSIVTIVLAVGTNKMAKQHAIIRKLP
AVETLGSTSVICTDKTGTLTQNKMTVVDYYLPDGTKENFPESPENWSEGERRLIHIAVLCNDSNINSEGKELGDPTEVAL
IAFSNKNNQDYNEIREKFIREGEIPFDSDRKLMSTLHTFNENKAMLTKGGPDVMFARCSYVFLDGEEKPMTEEILAKLKE
TNEEFSNQALRVLAYGYKRMPADTTELKLEDEQDIVLVGLTAMIDPPREAVYASIEESKKAGIRTVMITGDHKTTAQAIG
RDIGLMDADDIALTGQELDAMPEEELDKKLEHIAVYARVSPENKIRIVKAWQKKGKITAMTGDGVNDAPALKQADIGVAM
GSGTDVAKDSAAMILTDDNFVSIVDAVGVGRTVFDNIKKSIAYLFAGNLGAIIAILFALVLDWINPFTALQLLFINLVND
SLPAIALGMEKAEPDVMKRKPRDINEGIFAGGTMRAVISRGVLIGIAVIISQYIGMQISPEMSVAMAFTTLILARTLQTF
AARSNVQTAFGAGFFSNKYVIGAVLLCFVLYGITVLPGAREIFSIPASFGLHEWSIAAGLALAAVVMMEIIKVVQNKFFK
;
_entity_poly.pdbx_strand_id   A
#
loop_
_chem_comp.id
_chem_comp.type
_chem_comp.name
_chem_comp.formula
CA non-polymer 'CALCIUM ION' 'Ca 2'
#
# COMPACT_ATOMS: atom_id res chain seq x y z
N ALA A 1 -20.01 -27.89 19.61
CA ALA A 1 -20.97 -27.30 20.54
C ALA A 1 -22.38 -27.79 20.26
N GLU A 2 -22.54 -29.12 20.26
CA GLU A 2 -23.80 -29.82 20.05
C GLU A 2 -24.44 -29.53 18.70
N ILE A 3 -23.67 -29.04 17.72
CA ILE A 3 -24.17 -28.79 16.39
C ILE A 3 -23.60 -29.75 15.36
N TYR A 4 -22.74 -30.68 15.79
CA TYR A 4 -22.11 -31.60 14.84
C TYR A 4 -23.08 -32.68 14.40
N ARG A 5 -23.96 -33.11 15.31
CA ARG A 5 -24.84 -34.24 15.07
C ARG A 5 -26.11 -33.87 14.29
N LYS A 6 -26.39 -32.59 14.12
CA LYS A 6 -27.64 -32.16 13.54
C LYS A 6 -27.52 -31.96 12.03
N SER A 7 -28.59 -32.32 11.32
CA SER A 7 -28.66 -32.11 9.87
C SER A 7 -29.16 -30.69 9.59
N ALA A 8 -29.55 -30.43 8.35
CA ALA A 8 -30.01 -29.10 7.96
C ALA A 8 -31.30 -28.73 8.69
N ALA A 9 -32.36 -29.52 8.51
CA ALA A 9 -33.63 -29.25 9.16
C ALA A 9 -33.51 -29.37 10.67
N GLU A 10 -32.67 -30.28 11.17
CA GLU A 10 -32.45 -30.38 12.60
C GLU A 10 -31.75 -29.16 13.16
N THR A 11 -30.83 -28.55 12.39
CA THR A 11 -30.25 -27.28 12.82
C THR A 11 -31.27 -26.15 12.76
N PHE A 12 -32.18 -26.19 11.77
CA PHE A 12 -33.24 -25.20 11.71
C PHE A 12 -34.16 -25.28 12.92
N THR A 13 -34.48 -26.50 13.36
CA THR A 13 -35.41 -26.68 14.47
C THR A 13 -34.74 -26.43 15.82
N GLN A 14 -33.58 -27.02 16.05
CA GLN A 14 -32.95 -26.98 17.36
C GLN A 14 -32.45 -25.57 17.70
N LEU A 15 -31.74 -24.94 16.76
CA LEU A 15 -31.11 -23.60 17.00
C LEU A 15 -32.04 -22.49 16.52
N GLU A 16 -33.26 -22.82 16.14
CA GLU A 16 -34.25 -21.84 15.66
C GLU A 16 -33.71 -21.03 14.49
N ALA A 17 -33.01 -21.71 13.58
CA ALA A 17 -32.52 -21.09 12.36
C ALA A 17 -33.63 -21.00 11.33
N THR A 18 -33.77 -19.83 10.70
CA THR A 18 -34.78 -19.66 9.67
C THR A 18 -34.18 -19.75 8.28
N GLU A 26 -36.82 -9.21 16.40
CA GLU A 26 -36.45 -10.58 16.71
C GLU A 26 -34.97 -10.81 16.48
N VAL A 27 -34.46 -10.27 15.38
CA VAL A 27 -33.04 -10.42 15.06
C VAL A 27 -32.17 -9.71 16.10
N THR A 28 -32.61 -8.53 16.56
CA THR A 28 -31.88 -7.85 17.62
C THR A 28 -31.97 -8.60 18.94
N LYS A 29 -33.11 -9.26 19.20
CA LYS A 29 -33.25 -10.08 20.39
C LYS A 29 -32.28 -11.26 20.36
N ARG A 30 -32.13 -11.89 19.20
CA ARG A 30 -31.13 -12.96 19.07
C ARG A 30 -29.71 -12.40 19.16
N GLN A 31 -29.49 -11.18 18.68
CA GLN A 31 -28.17 -10.57 18.77
C GLN A 31 -27.78 -10.33 20.23
N GLU A 32 -28.70 -9.83 21.04
CA GLU A 32 -28.39 -9.59 22.45
C GLU A 32 -28.47 -10.86 23.27
N LYS A 33 -29.12 -11.90 22.76
CA LYS A 33 -29.22 -13.16 23.51
C LYS A 33 -28.06 -14.10 23.19
N TYR A 34 -27.87 -14.41 21.90
CA TYR A 34 -26.74 -15.24 21.50
C TYR A 34 -25.40 -14.54 21.69
N GLY A 35 -25.40 -13.22 21.75
CA GLY A 35 -24.17 -12.46 21.86
C GLY A 35 -23.69 -11.97 20.51
N PHE A 36 -23.00 -10.83 20.51
CA PHE A 36 -22.47 -10.28 19.27
C PHE A 36 -21.26 -11.09 18.81
N ASN A 37 -20.99 -11.00 17.51
CA ASN A 37 -19.97 -11.81 16.86
C ASN A 37 -18.76 -10.98 16.43
N GLU A 38 -18.30 -10.07 17.29
CA GLU A 38 -17.14 -9.24 16.96
C GLU A 38 -15.87 -10.09 16.87
N ASP A 45 -5.46 -3.66 25.17
CA ASP A 45 -4.25 -3.27 25.90
C ASP A 45 -4.32 -1.83 26.38
N PRO A 46 -4.14 -1.63 27.69
CA PRO A 46 -4.10 -0.27 28.22
C PRO A 46 -2.90 0.50 27.68
N LEU A 47 -3.09 1.82 27.52
CA LEU A 47 -2.02 2.65 26.98
C LEU A 47 -0.88 2.83 27.96
N TRP A 48 -1.18 2.91 29.26
CA TRP A 48 -0.13 2.99 30.27
C TRP A 48 0.66 1.69 30.34
N LYS A 49 0.00 0.54 30.13
CA LYS A 49 0.73 -0.72 30.05
C LYS A 49 1.65 -0.75 28.84
N LEU A 50 1.20 -0.19 27.72
CA LEU A 50 2.05 -0.07 26.53
C LEU A 50 3.25 0.84 26.82
N PHE A 51 3.02 1.94 27.53
CA PHE A 51 4.12 2.83 27.90
C PHE A 51 5.12 2.11 28.80
N LEU A 52 4.62 1.28 29.72
CA LEU A 52 5.50 0.48 30.56
C LEU A 52 6.30 -0.53 29.74
N GLU A 53 5.67 -1.14 28.74
CA GLU A 53 6.29 -2.20 27.97
C GLU A 53 7.14 -1.70 26.81
N THR A 54 7.13 -0.39 26.53
CA THR A 54 7.95 0.17 25.45
C THR A 54 9.34 0.59 25.92
N PHE A 55 9.90 -0.07 26.92
CA PHE A 55 11.28 0.35 27.31
C PHE A 55 12.31 -0.57 26.63
N LYS A 56 11.85 -1.48 25.78
CA LYS A 56 12.74 -2.43 25.13
C LYS A 56 13.76 -1.77 24.19
N ASP A 57 13.59 -0.49 23.88
CA ASP A 57 14.51 0.18 22.96
C ASP A 57 15.88 0.31 23.60
N PRO A 58 16.95 -0.19 22.95
CA PRO A 58 18.29 -0.13 23.58
C PRO A 58 18.77 1.29 23.84
N MET A 59 18.43 2.22 22.95
CA MET A 59 18.76 3.63 23.22
C MET A 59 18.03 4.13 24.45
N VAL A 60 16.76 3.74 24.62
CA VAL A 60 16.01 4.12 25.81
C VAL A 60 16.62 3.46 27.05
N ILE A 61 17.12 2.23 26.90
CA ILE A 61 17.71 1.51 28.02
C ILE A 61 18.99 2.21 28.49
N VAL A 62 19.89 2.55 27.55
CA VAL A 62 21.13 3.19 27.94
C VAL A 62 20.86 4.60 28.48
N LEU A 63 19.86 5.28 27.93
CA LEU A 63 19.55 6.60 28.47
C LEU A 63 18.93 6.51 29.86
N VAL A 64 18.15 5.46 30.14
CA VAL A 64 17.55 5.37 31.46
C VAL A 64 18.58 4.93 32.50
N ILE A 65 19.58 4.12 32.10
CA ILE A 65 20.63 3.83 33.07
C ILE A 65 21.49 5.07 33.30
N ALA A 66 21.72 5.88 32.25
CA ALA A 66 22.42 7.14 32.44
C ALA A 66 21.64 8.09 33.33
N ALA A 67 20.31 8.14 33.16
CA ALA A 67 19.47 8.98 34.00
C ALA A 67 19.51 8.53 35.46
N LEU A 68 19.49 7.22 35.70
CA LEU A 68 19.50 6.76 37.09
C LEU A 68 20.85 7.01 37.76
N VAL A 69 21.96 6.84 37.03
CA VAL A 69 23.24 7.15 37.67
C VAL A 69 23.37 8.66 37.88
N GLN A 70 22.91 9.46 36.92
CA GLN A 70 22.95 10.92 37.10
C GLN A 70 22.04 11.36 38.24
N LEU A 71 21.02 10.56 38.56
CA LEU A 71 20.23 10.82 39.75
C LEU A 71 21.00 10.43 41.01
N VAL A 72 21.76 9.34 40.96
CA VAL A 72 22.35 8.81 42.19
C VAL A 72 23.52 9.65 42.71
N LEU A 73 24.12 10.52 41.89
CA LEU A 73 25.11 11.46 42.43
C LEU A 73 24.47 12.69 43.06
N GLY A 74 23.15 12.71 43.25
CA GLY A 74 22.49 13.81 43.92
C GLY A 74 22.51 15.13 43.17
N GLU A 75 22.39 15.08 41.85
CA GLU A 75 22.23 16.28 41.02
C GLU A 75 20.85 16.24 40.41
N VAL A 76 20.06 17.28 40.63
CA VAL A 76 18.63 17.22 40.34
C VAL A 76 18.32 17.66 38.91
N VAL A 77 18.82 18.82 38.48
CA VAL A 77 18.34 19.45 37.26
C VAL A 77 18.69 18.62 36.02
N GLU A 78 19.90 18.07 35.98
CA GLU A 78 20.27 17.18 34.89
C GLU A 78 19.40 15.93 34.87
N SER A 79 19.11 15.39 36.05
CA SER A 79 18.25 14.21 36.13
C SER A 79 16.86 14.49 35.57
N LEU A 80 16.28 15.65 35.94
CA LEU A 80 14.99 16.02 35.38
C LEU A 80 15.07 16.25 33.88
N ILE A 81 16.19 16.80 33.38
CA ILE A 81 16.31 17.04 31.94
C ILE A 81 16.31 15.72 31.18
N ILE A 82 17.16 14.76 31.58
CA ILE A 82 17.20 13.49 30.85
C ILE A 82 15.88 12.73 31.02
N PHE A 83 15.34 12.69 32.24
CA PHE A 83 14.06 12.04 32.45
C PHE A 83 12.96 12.69 31.62
N LEU A 84 13.07 13.99 31.38
CA LEU A 84 12.09 14.68 30.55
C LEU A 84 12.24 14.24 29.10
N VAL A 85 13.49 14.05 28.65
CA VAL A 85 13.70 13.52 27.28
C VAL A 85 13.06 12.16 27.13
N LEU A 86 13.28 11.26 28.10
CA LEU A 86 12.65 9.94 28.00
C LEU A 86 11.13 10.03 28.02
N ILE A 87 10.56 10.90 28.86
CA ILE A 87 9.09 10.89 28.88
C ILE A 87 8.53 11.54 27.62
N VAL A 88 9.19 12.54 27.03
CA VAL A 88 8.59 13.15 25.84
C VAL A 88 8.66 12.18 24.67
N ASN A 89 9.81 11.49 24.50
CA ASN A 89 9.85 10.53 23.39
C ASN A 89 8.92 9.34 23.64
N SER A 90 8.78 8.93 24.91
CA SER A 90 7.84 7.84 25.23
C SER A 90 6.41 8.25 24.95
N ILE A 91 5.99 9.46 25.36
CA ILE A 91 4.61 9.85 25.17
C ILE A 91 4.32 10.11 23.70
N ILE A 92 5.28 10.67 22.95
CA ILE A 92 5.01 10.85 21.53
C ILE A 92 4.95 9.51 20.81
N SER A 93 5.79 8.54 21.22
CA SER A 93 5.74 7.22 20.63
C SER A 93 4.40 6.53 20.91
N VAL A 94 3.93 6.61 22.16
CA VAL A 94 2.68 5.92 22.48
C VAL A 94 1.47 6.70 21.96
N VAL A 95 1.57 8.01 21.79
CA VAL A 95 0.47 8.77 21.20
C VAL A 95 0.33 8.45 19.71
N GLN A 96 1.45 8.40 18.99
CA GLN A 96 1.34 7.98 17.60
C GLN A 96 1.05 6.50 17.46
N THR A 97 1.41 5.68 18.45
CA THR A 97 0.98 4.29 18.46
C THR A 97 -0.53 4.17 18.67
N ARG A 98 -1.10 5.03 19.53
CA ARG A 98 -2.55 5.07 19.69
C ARG A 98 -3.24 5.57 18.43
N LYS A 99 -2.61 6.54 17.75
CA LYS A 99 -3.12 6.98 16.45
C LYS A 99 -3.10 5.86 15.44
N ALA A 100 -2.02 5.06 15.42
CA ALA A 100 -1.93 3.91 14.54
C ALA A 100 -2.97 2.85 14.90
N GLU A 101 -3.22 2.65 16.20
CA GLU A 101 -4.24 1.71 16.63
C GLU A 101 -5.63 2.15 16.19
N SER A 102 -5.94 3.44 16.34
CA SER A 102 -7.22 3.97 15.88
C SER A 102 -7.35 3.85 14.36
N SER A 103 -6.26 4.13 13.64
CA SER A 103 -6.27 3.97 12.19
C SER A 103 -6.49 2.52 11.79
N LEU A 104 -5.83 1.58 12.48
CA LEU A 104 -6.00 0.16 12.20
C LEU A 104 -7.42 -0.31 12.50
N ASP A 105 -8.01 0.21 13.59
CA ASP A 105 -9.40 -0.09 13.88
C ASP A 105 -10.32 0.45 12.79
N ALA A 106 -10.02 1.65 12.27
CA ALA A 106 -10.79 2.19 11.16
C ALA A 106 -10.66 1.31 9.92
N LEU A 107 -9.44 0.86 9.61
CA LEU A 107 -9.23 -0.02 8.46
C LEU A 107 -9.98 -1.34 8.61
N ARG A 108 -9.96 -1.91 9.81
CA ARG A 108 -10.73 -3.11 10.08
C ARG A 108 -12.23 -2.84 10.06
N GLU A 109 -12.65 -1.58 10.26
CA GLU A 109 -14.06 -1.25 10.27
C GLU A 109 -14.62 -1.09 8.85
N MET A 110 -14.03 -0.19 8.05
CA MET A 110 -14.62 0.06 6.73
C MET A 110 -14.33 -1.07 5.74
N SER A 111 -13.16 -1.71 5.84
CA SER A 111 -12.83 -2.86 5.01
C SER A 111 -13.12 -4.17 5.72
N ALA A 112 -14.13 -4.20 6.59
CA ALA A 112 -14.49 -5.41 7.29
C ALA A 112 -15.05 -6.45 6.31
N PRO A 113 -14.82 -7.74 6.57
CA PRO A 113 -15.43 -8.77 5.73
C PRO A 113 -16.94 -8.77 5.84
N VAL A 114 -17.62 -8.38 4.76
CA VAL A 114 -19.08 -8.24 4.76
C VAL A 114 -19.66 -9.51 4.16
N ALA A 115 -20.49 -10.20 4.95
CA ALA A 115 -21.11 -11.45 4.52
C ALA A 115 -22.53 -11.16 4.06
N LYS A 116 -22.83 -11.54 2.81
CA LYS A 116 -24.17 -11.38 2.28
C LYS A 116 -25.13 -12.31 3.00
N VAL A 117 -26.09 -11.73 3.74
CA VAL A 117 -26.96 -12.50 4.61
C VAL A 117 -28.35 -12.57 3.97
N ILE A 118 -28.86 -13.80 3.82
CA ILE A 118 -30.22 -14.00 3.35
C ILE A 118 -31.24 -13.81 4.47
N ARG A 119 -30.81 -14.15 5.70
CA ARG A 119 -31.67 -13.99 6.90
C ARG A 119 -33.01 -14.69 6.68
N ASP A 120 -34.10 -14.05 7.12
CA ASP A 120 -35.42 -14.62 6.98
C ASP A 120 -35.99 -14.30 5.60
N GLY A 121 -35.22 -14.60 4.55
CA GLY A 121 -35.58 -14.21 3.21
C GLY A 121 -35.20 -12.79 2.85
N SER A 122 -34.71 -12.01 3.81
CA SER A 122 -34.38 -10.60 3.60
C SER A 122 -32.93 -10.50 3.14
N LYS A 123 -32.76 -10.32 1.83
CA LYS A 123 -31.42 -10.29 1.22
C LYS A 123 -30.74 -8.97 1.54
N GLN A 124 -29.76 -9.00 2.44
CA GLN A 124 -28.96 -7.84 2.77
C GLN A 124 -27.53 -8.32 3.06
N SER A 125 -26.71 -7.45 3.65
CA SER A 125 -25.32 -7.81 3.91
C SER A 125 -24.81 -6.98 5.09
N ILE A 126 -24.75 -7.60 6.26
CA ILE A 126 -24.18 -6.99 7.45
C ILE A 126 -22.68 -7.28 7.48
N HIS A 127 -21.95 -6.58 8.33
CA HIS A 127 -20.52 -6.83 8.49
C HIS A 127 -20.30 -8.07 9.35
N ALA A 128 -19.02 -8.40 9.57
CA ALA A 128 -18.67 -9.61 10.30
C ALA A 128 -18.99 -9.48 11.78
N ARG A 129 -18.83 -8.28 12.35
CA ARG A 129 -19.00 -8.11 13.80
C ARG A 129 -20.45 -8.27 14.21
N GLU A 130 -21.38 -7.75 13.42
CA GLU A 130 -22.80 -7.72 13.78
C GLU A 130 -23.58 -8.91 13.25
N LEU A 131 -22.93 -10.06 13.08
CA LEU A 131 -23.63 -11.27 12.69
C LEU A 131 -24.39 -11.86 13.88
N VAL A 132 -25.28 -12.80 13.57
CA VAL A 132 -26.04 -13.50 14.61
C VAL A 132 -26.30 -14.93 14.12
N PRO A 133 -26.23 -15.93 15.00
CA PRO A 133 -26.55 -17.30 14.57
C PRO A 133 -28.03 -17.44 14.18
N GLY A 134 -28.27 -18.38 13.28
CA GLY A 134 -29.62 -18.71 12.86
C GLY A 134 -30.12 -18.02 11.61
N ASP A 135 -29.23 -17.46 10.79
CA ASP A 135 -29.63 -16.78 9.57
C ASP A 135 -28.80 -17.29 8.40
N VAL A 136 -29.43 -17.34 7.23
CA VAL A 136 -28.81 -17.91 6.05
C VAL A 136 -27.81 -16.91 5.47
N VAL A 137 -26.60 -17.40 5.16
CA VAL A 137 -25.54 -16.57 4.60
C VAL A 137 -25.04 -17.24 3.32
N ILE A 138 -24.98 -16.48 2.23
CA ILE A 138 -24.48 -16.96 0.96
C ILE A 138 -23.01 -16.57 0.83
N LEU A 139 -22.16 -17.55 0.54
CA LEU A 139 -20.73 -17.33 0.34
C LEU A 139 -20.40 -17.59 -1.12
N ASP A 140 -20.05 -16.53 -1.84
CA ASP A 140 -19.53 -16.69 -3.19
C ASP A 140 -18.06 -17.09 -3.13
N ALA A 141 -17.45 -17.22 -4.30
CA ALA A 141 -16.02 -17.52 -4.36
C ALA A 141 -15.22 -16.33 -3.85
N GLY A 142 -14.40 -16.57 -2.82
CA GLY A 142 -13.58 -15.53 -2.23
C GLY A 142 -14.23 -14.78 -1.08
N ASP A 143 -15.51 -15.02 -0.81
CA ASP A 143 -16.20 -14.38 0.31
C ASP A 143 -15.82 -15.13 1.58
N PHE A 144 -14.88 -14.58 2.34
CA PHE A 144 -14.34 -15.27 3.51
C PHE A 144 -15.43 -15.36 4.57
N VAL A 145 -15.71 -16.59 5.02
CA VAL A 145 -16.82 -16.84 5.94
C VAL A 145 -16.43 -16.39 7.34
N PRO A 146 -17.21 -15.52 7.97
CA PRO A 146 -16.80 -14.95 9.26
C PRO A 146 -17.21 -15.79 10.47
N ALA A 147 -18.28 -16.57 10.34
CA ALA A 147 -18.80 -17.34 11.47
C ALA A 147 -19.12 -18.76 11.03
N ASP A 148 -18.90 -19.71 11.94
CA ASP A 148 -19.17 -21.11 11.65
C ASP A 148 -20.67 -21.34 11.52
N GLY A 149 -21.04 -22.31 10.69
CA GLY A 149 -22.44 -22.63 10.51
C GLY A 149 -22.75 -23.80 9.60
N ARG A 150 -23.93 -24.38 9.78
CA ARG A 150 -24.32 -25.58 9.06
C ARG A 150 -24.65 -25.27 7.60
N LEU A 151 -24.13 -26.12 6.70
CA LEU A 151 -24.38 -26.00 5.27
C LEU A 151 -25.36 -27.09 4.82
N PHE A 152 -26.29 -26.71 3.94
CA PHE A 152 -27.25 -27.66 3.40
C PHE A 152 -26.92 -28.08 1.97
N GLU A 153 -26.78 -27.13 1.04
CA GLU A 153 -26.34 -27.43 -0.31
C GLU A 153 -25.20 -26.51 -0.71
N SER A 154 -24.26 -27.07 -1.48
CA SER A 154 -23.15 -26.31 -2.05
C SER A 154 -22.60 -27.07 -3.24
N GLY A 155 -22.23 -26.33 -4.29
CA GLY A 155 -21.62 -26.96 -5.44
C GLY A 155 -20.11 -26.86 -5.44
N SER A 156 -19.45 -27.93 -5.02
CA SER A 156 -17.99 -28.04 -4.95
C SER A 156 -17.39 -26.90 -4.12
N LEU A 157 -17.76 -26.87 -2.84
CA LEU A 157 -17.35 -25.80 -1.93
C LEU A 157 -15.92 -26.06 -1.47
N LYS A 158 -14.96 -25.60 -2.27
CA LYS A 158 -13.55 -25.73 -1.92
C LYS A 158 -13.23 -24.77 -0.79
N ILE A 159 -13.06 -25.31 0.42
CA ILE A 159 -12.80 -24.52 1.61
C ILE A 159 -11.48 -24.99 2.20
N ASP A 160 -10.49 -24.09 2.25
CA ASP A 160 -9.24 -24.39 2.92
C ASP A 160 -9.29 -23.88 4.36
N GLU A 161 -8.62 -24.60 5.25
CA GLU A 161 -8.65 -24.33 6.68
C GLU A 161 -7.23 -24.22 7.25
N GLY A 162 -6.39 -23.45 6.55
CA GLY A 162 -5.01 -23.29 6.99
C GLY A 162 -4.85 -22.45 8.23
N MET A 163 -5.85 -21.64 8.58
CA MET A 163 -5.79 -20.79 9.77
C MET A 163 -6.59 -21.33 10.93
N LEU A 164 -7.74 -21.97 10.66
CA LEU A 164 -8.56 -22.52 11.74
C LEU A 164 -7.86 -23.70 12.42
N THR A 165 -7.37 -24.66 11.62
CA THR A 165 -6.74 -25.84 12.19
C THR A 165 -5.49 -26.26 11.41
N GLY A 166 -4.99 -25.43 10.50
CA GLY A 166 -3.82 -25.80 9.73
C GLY A 166 -4.08 -26.83 8.65
N GLU A 167 -5.32 -27.03 8.26
CA GLU A 167 -5.68 -28.00 7.23
C GLU A 167 -5.50 -27.34 5.87
N SER A 168 -4.37 -27.64 5.21
CA SER A 168 -4.08 -27.04 3.92
C SER A 168 -4.96 -27.60 2.80
N GLU A 169 -5.57 -28.76 2.99
CA GLU A 169 -6.42 -29.35 1.97
C GLU A 169 -7.73 -28.59 1.87
N ALA A 170 -8.30 -28.58 0.66
CA ALA A 170 -9.58 -27.91 0.39
C ALA A 170 -10.70 -28.91 0.67
N VAL A 171 -11.32 -28.78 1.85
CA VAL A 171 -12.36 -29.71 2.27
C VAL A 171 -13.69 -29.26 1.67
N GLU A 172 -14.39 -30.19 1.00
CA GLU A 172 -15.66 -29.90 0.35
C GLU A 172 -16.79 -30.21 1.32
N LYS A 173 -17.39 -29.16 1.89
CA LYS A 173 -18.57 -29.31 2.73
C LYS A 173 -19.77 -29.81 1.91
N TYR A 174 -20.57 -30.68 2.52
CA TYR A 174 -21.70 -31.32 1.86
C TYR A 174 -22.92 -31.29 2.79
N ILE A 175 -23.98 -31.97 2.36
CA ILE A 175 -25.18 -32.11 3.17
C ILE A 175 -24.97 -33.05 4.35
N ASP A 176 -23.99 -33.95 4.25
CA ASP A 176 -23.80 -34.99 5.26
C ASP A 176 -23.43 -34.41 6.61
N THR A 177 -24.07 -34.90 7.66
CA THR A 177 -23.81 -34.48 9.03
C THR A 177 -22.93 -35.52 9.73
N ILE A 178 -22.56 -35.22 10.97
CA ILE A 178 -21.68 -36.08 11.75
C ILE A 178 -22.37 -36.44 13.06
N PRO A 179 -23.28 -37.43 13.06
CA PRO A 179 -23.97 -37.79 14.31
C PRO A 179 -23.05 -38.53 15.26
N ASP A 180 -23.13 -38.16 16.54
CA ASP A 180 -22.42 -38.82 17.64
C ASP A 180 -20.90 -38.78 17.44
N GLU A 181 -20.41 -37.71 16.84
CA GLU A 181 -18.97 -37.53 16.64
C GLU A 181 -18.68 -36.05 16.44
N VAL A 182 -17.56 -35.60 17.01
CA VAL A 182 -17.10 -34.22 16.90
C VAL A 182 -15.63 -34.23 16.51
N GLY A 183 -15.30 -33.51 15.44
CA GLY A 183 -13.93 -33.42 14.99
C GLY A 183 -13.67 -32.22 14.09
N LEU A 184 -12.61 -31.47 14.39
CA LEU A 184 -12.30 -30.25 13.65
C LEU A 184 -11.49 -30.51 12.38
N GLY A 185 -11.18 -31.77 12.07
CA GLY A 185 -10.40 -32.10 10.90
C GLY A 185 -11.21 -32.14 9.63
N ASP A 186 -11.07 -33.22 8.86
CA ASP A 186 -11.79 -33.37 7.60
C ASP A 186 -13.25 -33.64 7.85
N ARG A 187 -14.07 -32.59 7.87
CA ARG A 187 -15.50 -32.70 8.11
C ARG A 187 -16.25 -31.82 7.12
N VAL A 188 -17.48 -32.22 6.81
CA VAL A 188 -18.29 -31.57 5.79
C VAL A 188 -19.56 -30.94 6.34
N ASN A 189 -19.82 -31.08 7.64
CA ASN A 189 -21.13 -30.73 8.18
C ASN A 189 -21.32 -29.21 8.27
N MET A 190 -20.30 -28.48 8.73
CA MET A 190 -20.36 -27.03 8.81
C MET A 190 -19.21 -26.38 8.05
N VAL A 191 -19.43 -25.12 7.67
CA VAL A 191 -18.38 -24.26 7.15
C VAL A 191 -17.90 -23.38 8.31
N PHE A 192 -16.77 -23.74 8.89
CA PHE A 192 -16.28 -23.09 10.09
C PHE A 192 -15.75 -21.69 9.79
N SER A 193 -15.61 -20.89 10.85
CA SER A 193 -15.13 -19.52 10.75
C SER A 193 -13.63 -19.51 10.49
N GLY A 194 -13.13 -18.37 10.04
CA GLY A 194 -11.72 -18.23 9.73
C GLY A 194 -11.28 -18.98 8.50
N SER A 195 -12.21 -19.30 7.60
CA SER A 195 -11.93 -20.12 6.43
C SER A 195 -12.19 -19.32 5.17
N LEU A 196 -11.44 -19.65 4.11
CA LEU A 196 -11.51 -18.94 2.84
C LEU A 196 -12.18 -19.81 1.80
N VAL A 197 -13.14 -19.23 1.07
CA VAL A 197 -13.86 -19.95 0.02
C VAL A 197 -12.99 -19.93 -1.23
N VAL A 198 -12.24 -21.02 -1.46
CA VAL A 198 -11.41 -21.11 -2.66
C VAL A 198 -12.29 -21.28 -3.90
N TYR A 199 -13.34 -22.09 -3.80
CA TYR A 199 -14.27 -22.26 -4.90
C TYR A 199 -15.58 -22.80 -4.32
N GLY A 200 -16.66 -22.56 -5.05
CA GLY A 200 -17.97 -23.08 -4.69
C GLY A 200 -18.94 -21.99 -4.30
N ARG A 201 -20.16 -22.43 -3.98
CA ARG A 201 -21.26 -21.55 -3.59
C ARG A 201 -21.68 -21.92 -2.18
N GLY A 202 -21.33 -21.08 -1.21
CA GLY A 202 -21.55 -21.36 0.19
C GLY A 202 -22.90 -20.92 0.73
N MET A 203 -23.95 -21.65 0.37
CA MET A 203 -25.30 -21.37 0.85
C MET A 203 -25.48 -22.09 2.19
N PHE A 204 -25.21 -21.39 3.28
CA PHE A 204 -25.24 -21.98 4.61
C PHE A 204 -25.91 -21.03 5.59
N VAL A 205 -26.16 -21.53 6.80
CA VAL A 205 -26.77 -20.77 7.88
C VAL A 205 -25.79 -20.72 9.05
N VAL A 206 -25.53 -19.51 9.54
CA VAL A 206 -24.62 -19.33 10.67
C VAL A 206 -25.23 -19.95 11.92
N THR A 207 -24.46 -20.81 12.59
CA THR A 207 -24.89 -21.43 13.83
C THR A 207 -24.05 -21.04 15.03
N GLY A 208 -23.05 -20.17 14.86
CA GLY A 208 -22.14 -19.89 15.95
C GLY A 208 -21.77 -18.44 16.18
N THR A 209 -21.88 -18.01 17.43
CA THR A 209 -21.29 -16.75 17.87
C THR A 209 -19.78 -16.81 17.76
N ALA A 210 -19.16 -15.67 17.46
CA ALA A 210 -17.69 -15.63 17.30
C ALA A 210 -16.96 -16.06 18.57
N SER A 211 -17.60 -15.88 19.74
CA SER A 211 -17.05 -16.44 20.96
C SER A 211 -17.06 -17.97 20.92
N GLU A 212 -18.12 -18.56 20.38
CA GLU A 212 -18.25 -20.00 20.32
C GLU A 212 -17.72 -20.61 19.02
N THR A 213 -17.29 -19.78 18.07
CA THR A 213 -16.60 -20.30 16.89
C THR A 213 -15.29 -20.97 17.30
N GLU A 214 -14.94 -22.04 16.59
CA GLU A 214 -13.77 -22.83 16.95
C GLU A 214 -12.49 -22.02 16.83
N ILE A 215 -12.39 -21.16 15.81
CA ILE A 215 -11.25 -20.25 15.72
C ILE A 215 -11.33 -19.20 16.82
N GLY A 216 -12.54 -18.90 17.31
CA GLY A 216 -12.68 -17.97 18.43
C GLY A 216 -12.11 -18.53 19.72
N LYS A 217 -12.26 -19.85 19.93
CA LYS A 217 -11.70 -20.47 21.13
C LYS A 217 -10.17 -20.44 21.12
N ILE A 218 -9.56 -20.43 19.94
CA ILE A 218 -8.11 -20.38 19.83
C ILE A 218 -7.65 -18.93 19.74
N GLN A 229 8.11 -6.51 14.29
CA GLN A 229 8.40 -5.24 13.65
C GLN A 229 8.81 -5.42 12.20
N THR A 230 9.04 -4.31 11.51
CA THR A 230 9.36 -4.34 10.08
C THR A 230 10.83 -4.68 9.87
N PRO A 231 11.18 -5.23 8.71
CA PRO A 231 12.60 -5.44 8.38
C PRO A 231 13.40 -4.15 8.36
N LEU A 232 12.81 -3.03 7.92
CA LEU A 232 13.50 -1.74 8.04
C LEU A 232 13.73 -1.40 9.50
N GLN A 233 12.74 -1.66 10.35
CA GLN A 233 12.91 -1.41 11.77
C GLN A 233 14.01 -2.28 12.36
N ARG A 234 14.08 -3.55 11.95
CA ARG A 234 15.13 -4.44 12.45
C ARG A 234 16.51 -3.96 11.99
N LYS A 235 16.63 -3.56 10.72
CA LYS A 235 17.91 -3.06 10.22
C LYS A 235 18.31 -1.77 10.91
N LEU A 236 17.33 -0.90 11.21
CA LEU A 236 17.65 0.36 11.86
C LEU A 236 17.99 0.16 13.33
N GLU A 237 17.40 -0.84 14.00
CA GLU A 237 17.85 -1.17 15.34
C GLU A 237 19.24 -1.79 15.34
N SER A 238 19.57 -2.56 14.30
CA SER A 238 20.94 -3.08 14.18
C SER A 238 21.93 -1.94 13.98
N PHE A 239 21.59 -0.98 13.12
CA PHE A 239 22.42 0.21 12.93
C PHE A 239 22.52 1.03 14.21
N SER A 240 21.41 1.12 14.95
CA SER A 240 21.42 1.83 16.21
C SER A 240 22.32 1.16 17.24
N LYS A 241 22.32 -0.18 17.27
CA LYS A 241 23.18 -0.89 18.21
C LYS A 241 24.65 -0.75 17.81
N LYS A 242 24.94 -0.73 16.50
CA LYS A 242 26.32 -0.52 16.06
C LYS A 242 26.79 0.90 16.40
N LEU A 243 25.95 1.90 16.12
CA LEU A 243 26.27 3.27 16.49
C LEU A 243 26.37 3.43 17.99
N GLY A 244 25.55 2.70 18.76
CA GLY A 244 25.65 2.77 20.21
C GLY A 244 26.96 2.22 20.73
N LEU A 245 27.39 1.08 20.20
CA LEU A 245 28.69 0.53 20.60
C LEU A 245 29.82 1.48 20.23
N GLY A 246 29.81 2.01 19.01
CA GLY A 246 30.85 2.95 18.60
C GLY A 246 30.84 4.23 19.42
N ILE A 247 29.65 4.75 19.72
CA ILE A 247 29.53 5.99 20.46
C ILE A 247 29.95 5.79 21.91
N LEU A 248 29.57 4.66 22.53
CA LEU A 248 30.00 4.38 23.89
C LEU A 248 31.50 4.20 23.96
N ALA A 249 32.10 3.58 22.95
CA ALA A 249 33.56 3.53 22.88
C ALA A 249 34.15 4.93 22.77
N LEU A 250 33.49 5.82 22.01
CA LEU A 250 33.96 7.19 21.87
C LEU A 250 33.90 7.94 23.20
N CYS A 251 32.82 7.77 23.97
CA CYS A 251 32.74 8.42 25.27
C CYS A 251 33.71 7.80 26.27
N VAL A 252 34.00 6.51 26.14
CA VAL A 252 35.05 5.90 26.96
C VAL A 252 36.39 6.55 26.65
N LEU A 253 36.67 6.77 25.36
CA LEU A 253 37.89 7.46 24.97
C LEU A 253 37.92 8.90 25.49
N ILE A 254 36.78 9.58 25.44
CA ILE A 254 36.69 10.96 25.94
C ILE A 254 36.94 11.00 27.44
N PHE A 255 36.34 10.08 28.19
CA PHE A 255 36.58 10.02 29.63
C PHE A 255 38.04 9.69 29.93
N ALA A 256 38.65 8.83 29.12
CA ALA A 256 40.07 8.56 29.28
C ALA A 256 40.90 9.80 29.00
N VAL A 257 40.47 10.63 28.06
CA VAL A 257 41.18 11.88 27.77
C VAL A 257 41.10 12.83 28.95
N GLU A 258 39.89 13.04 29.49
CA GLU A 258 39.75 13.88 30.69
C GLU A 258 40.48 13.30 31.89
N ALA A 259 40.64 11.98 31.95
CA ALA A 259 41.34 11.38 33.08
C ALA A 259 42.85 11.55 32.94
N GLY A 260 43.44 10.97 31.90
CA GLY A 260 44.88 10.91 31.77
C GLY A 260 45.55 12.05 31.04
N ARG A 261 44.81 12.92 30.37
CA ARG A 261 45.43 13.98 29.59
C ARG A 261 46.02 15.06 30.50
N VAL A 262 45.28 15.47 31.51
CA VAL A 262 45.76 16.52 32.41
C VAL A 262 46.04 15.96 33.82
N LEU A 263 45.01 15.43 34.49
CA LEU A 263 45.09 14.84 35.82
C LEU A 263 45.69 15.76 36.87
N LEU A 264 45.76 17.07 36.60
CA LEU A 264 46.41 18.08 37.46
C LEU A 264 47.85 17.61 37.69
N GLY A 265 48.37 17.66 38.91
CA GLY A 265 49.67 17.12 39.24
C GLY A 265 49.59 15.67 39.68
N ASP A 266 50.59 15.26 40.46
CA ASP A 266 50.58 13.91 41.00
C ASP A 266 49.50 13.74 42.07
N ASN A 267 49.32 14.75 42.92
CA ASN A 267 48.30 14.69 43.95
C ASN A 267 46.90 14.88 43.36
N SER A 268 46.79 15.66 42.29
CA SER A 268 45.55 15.91 41.56
C SER A 268 44.48 16.57 42.42
N ALA A 269 44.89 17.26 43.48
CA ALA A 269 44.01 18.02 44.38
C ALA A 269 42.88 17.16 44.94
N ASP A 270 41.70 17.24 44.33
CA ASP A 270 40.49 16.57 44.78
C ASP A 270 39.90 15.72 43.66
N MET A 271 40.76 14.88 43.05
CA MET A 271 40.35 14.05 41.93
C MET A 271 39.24 13.07 42.31
N ALA A 272 39.16 12.70 43.59
CA ALA A 272 38.09 11.82 44.04
C ALA A 272 36.72 12.48 43.87
N THR A 273 36.64 13.77 44.16
CA THR A 273 35.40 14.54 43.98
C THR A 273 35.44 15.39 42.72
N ALA A 274 36.24 14.99 41.73
CA ALA A 274 36.31 15.70 40.46
C ALA A 274 36.20 14.80 39.24
N ILE A 275 36.12 13.48 39.44
CA ILE A 275 35.79 12.59 38.32
C ILE A 275 34.31 12.70 37.97
N LEU A 276 33.49 13.23 38.87
CA LEU A 276 32.06 13.31 38.63
C LEU A 276 31.73 14.24 37.47
N ASN A 277 32.43 15.36 37.33
CA ASN A 277 32.14 16.26 36.23
C ASN A 277 32.64 15.70 34.90
N ALA A 278 33.79 15.03 34.89
CA ALA A 278 34.28 14.41 33.67
C ALA A 278 33.36 13.29 33.21
N PHE A 279 32.89 12.46 34.15
CA PHE A 279 31.90 11.45 33.82
C PHE A 279 30.59 12.07 33.37
N MET A 280 30.23 13.23 33.94
CA MET A 280 29.06 13.96 33.47
C MET A 280 29.22 14.38 32.02
N PHE A 281 30.40 14.87 31.66
CA PHE A 281 30.65 15.28 30.28
C PHE A 281 30.57 14.09 29.33
N ALA A 282 31.20 12.96 29.71
CA ALA A 282 31.15 11.77 28.85
C ALA A 282 29.73 11.21 28.74
N VAL A 283 29.00 11.18 29.84
CA VAL A 283 27.64 10.66 29.83
C VAL A 283 26.74 11.56 28.99
N ALA A 284 26.86 12.88 29.15
CA ALA A 284 26.07 13.81 28.34
C ALA A 284 26.44 13.71 26.87
N VAL A 285 27.71 13.43 26.56
CA VAL A 285 28.10 13.14 25.18
C VAL A 285 27.35 11.91 24.68
N ALA A 286 27.22 10.89 25.52
CA ALA A 286 26.48 9.68 25.13
C ALA A 286 25.01 10.00 24.87
N VAL A 287 24.38 10.77 25.76
CA VAL A 287 22.97 11.16 25.56
C VAL A 287 22.80 11.96 24.28
N ALA A 288 23.70 12.91 24.02
CA ALA A 288 23.58 13.71 22.81
C ALA A 288 23.76 12.86 21.56
N ALA A 289 24.81 12.03 21.52
CA ALA A 289 25.16 11.30 20.32
C ALA A 289 24.16 10.19 20.02
N ILE A 290 23.63 9.54 21.06
CA ILE A 290 22.70 8.45 20.87
C ILE A 290 21.38 8.99 20.31
N PRO A 291 20.87 8.45 19.22
CA PRO A 291 19.55 8.86 18.74
C PRO A 291 18.42 8.11 19.44
N GLU A 292 17.92 8.68 20.55
CA GLU A 292 16.85 7.96 21.33
C GLU A 292 15.56 7.95 20.52
N ALA A 293 15.31 8.99 19.71
CA ALA A 293 14.10 9.11 18.92
C ALA A 293 14.23 8.42 17.57
N LEU A 294 15.13 7.45 17.43
CA LEU A 294 15.26 6.72 16.18
C LEU A 294 14.02 5.88 15.92
N SER A 295 13.70 4.96 16.83
CA SER A 295 12.51 4.14 16.70
C SER A 295 11.24 4.98 16.78
N SER A 296 11.26 6.06 17.58
CA SER A 296 10.12 6.97 17.64
C SER A 296 9.88 7.62 16.29
N ILE A 297 10.94 8.10 15.64
CA ILE A 297 10.82 8.71 14.32
C ILE A 297 10.30 7.70 13.31
N VAL A 298 10.84 6.48 13.34
CA VAL A 298 10.42 5.46 12.37
C VAL A 298 8.94 5.13 12.56
N THR A 299 8.51 4.89 13.79
CA THR A 299 7.11 4.56 14.05
C THR A 299 6.18 5.72 13.72
N ILE A 300 6.60 6.95 14.04
CA ILE A 300 5.76 8.12 13.78
C ILE A 300 5.56 8.32 12.28
N VAL A 301 6.64 8.22 11.50
CA VAL A 301 6.49 8.45 10.07
C VAL A 301 5.82 7.26 9.39
N LEU A 302 5.92 6.05 9.95
CA LEU A 302 5.14 4.96 9.40
C LEU A 302 3.65 5.15 9.67
N ALA A 303 3.30 5.64 10.86
CA ALA A 303 1.89 5.93 11.13
C ALA A 303 1.36 7.03 10.23
N VAL A 304 2.12 8.11 10.06
CA VAL A 304 1.67 9.20 9.20
C VAL A 304 1.70 8.78 7.74
N GLY A 305 2.61 7.89 7.36
CA GLY A 305 2.60 7.37 6.00
C GLY A 305 1.38 6.51 5.73
N THR A 306 1.02 5.65 6.68
CA THR A 306 -0.18 4.84 6.55
C THR A 306 -1.43 5.70 6.48
N ASN A 307 -1.47 6.77 7.29
CA ASN A 307 -2.59 7.71 7.20
C ASN A 307 -2.62 8.40 5.84
N LYS A 308 -1.45 8.70 5.27
CA LYS A 308 -1.39 9.29 3.94
C LYS A 308 -1.86 8.32 2.87
N MET A 309 -1.52 7.03 3.02
CA MET A 309 -2.02 6.01 2.12
C MET A 309 -3.54 5.90 2.21
N ALA A 310 -4.08 5.98 3.42
CA ALA A 310 -5.53 5.99 3.60
C ALA A 310 -6.16 7.21 2.94
N LYS A 311 -5.48 8.37 3.02
CA LYS A 311 -5.94 9.54 2.29
C LYS A 311 -5.83 9.34 0.79
N GLN A 312 -4.86 8.53 0.34
CA GLN A 312 -4.65 8.27 -1.08
C GLN A 312 -5.39 7.04 -1.57
N HIS A 313 -6.48 6.66 -0.89
CA HIS A 313 -7.32 5.52 -1.28
C HIS A 313 -6.52 4.22 -1.34
N ALA A 314 -5.64 4.01 -0.35
CA ALA A 314 -4.76 2.84 -0.34
C ALA A 314 -4.69 2.33 1.09
N ILE A 315 -5.52 1.34 1.42
CA ILE A 315 -5.55 0.76 2.76
C ILE A 315 -4.50 -0.36 2.80
N ILE A 316 -3.41 -0.12 3.51
CA ILE A 316 -2.31 -1.09 3.57
C ILE A 316 -2.56 -2.05 4.73
N ARG A 317 -2.47 -3.34 4.44
CA ARG A 317 -2.73 -4.38 5.42
C ARG A 317 -1.46 -4.79 6.17
N LYS A 318 -0.43 -5.20 5.42
CA LYS A 318 0.83 -5.63 6.03
C LYS A 318 1.64 -4.40 6.41
N LEU A 319 1.83 -4.20 7.71
CA LEU A 319 2.66 -3.10 8.19
C LEU A 319 4.11 -3.13 7.69
N PRO A 320 4.82 -4.27 7.61
CA PRO A 320 6.19 -4.22 7.07
C PRO A 320 6.29 -3.89 5.58
N ALA A 321 5.19 -3.64 4.89
CA ALA A 321 5.24 -3.34 3.46
C ALA A 321 5.44 -1.86 3.16
N VAL A 322 5.44 -0.99 4.18
CA VAL A 322 5.54 0.45 3.93
C VAL A 322 6.92 0.81 3.42
N GLU A 323 7.97 0.20 3.98
CA GLU A 323 9.33 0.60 3.65
C GLU A 323 9.70 0.23 2.22
N THR A 324 9.26 -0.94 1.75
CA THR A 324 9.65 -1.42 0.43
C THR A 324 8.82 -0.81 -0.69
N LEU A 325 7.71 -0.13 -0.35
CA LEU A 325 6.86 0.48 -1.37
C LEU A 325 7.60 1.59 -2.10
N GLY A 326 8.59 2.19 -1.47
CA GLY A 326 9.46 3.12 -2.18
C GLY A 326 10.47 2.45 -3.08
N SER A 327 10.63 1.14 -2.98
CA SER A 327 11.62 0.39 -3.75
C SER A 327 11.01 -0.45 -4.86
N THR A 328 9.75 -0.20 -5.22
CA THR A 328 9.09 -0.97 -6.28
C THR A 328 9.65 -0.52 -7.62
N SER A 329 10.67 -1.23 -8.09
CA SER A 329 11.18 -0.97 -9.43
C SER A 329 10.27 -1.54 -10.51
N VAL A 330 9.38 -2.46 -10.16
CA VAL A 330 8.43 -3.03 -11.10
C VAL A 330 7.08 -3.19 -10.40
N ILE A 331 6.01 -2.99 -11.16
CA ILE A 331 4.65 -3.22 -10.69
C ILE A 331 3.90 -3.98 -11.77
N CYS A 332 3.24 -5.08 -11.38
CA CYS A 332 2.48 -5.92 -12.30
C CYS A 332 1.00 -5.70 -12.03
N THR A 333 0.42 -4.74 -12.75
CA THR A 333 -0.97 -4.36 -12.58
C THR A 333 -1.83 -5.07 -13.63
N ASP A 334 -3.13 -4.79 -13.61
CA ASP A 334 -4.04 -5.27 -14.65
C ASP A 334 -4.88 -4.10 -15.16
N LYS A 335 -5.27 -4.20 -16.43
CA LYS A 335 -6.01 -3.12 -17.05
C LYS A 335 -7.43 -3.01 -16.51
N THR A 336 -8.12 -4.14 -16.38
CA THR A 336 -9.48 -4.12 -15.86
C THR A 336 -9.47 -3.76 -14.39
N GLY A 337 -10.27 -2.75 -14.03
CA GLY A 337 -10.29 -2.27 -12.66
C GLY A 337 -9.36 -1.10 -12.42
N THR A 338 -8.05 -1.32 -12.57
CA THR A 338 -7.09 -0.26 -12.29
C THR A 338 -7.00 0.73 -13.45
N LEU A 339 -6.62 0.24 -14.63
CA LEU A 339 -6.47 1.06 -15.81
C LEU A 339 -7.77 1.20 -16.60
N THR A 340 -8.91 1.00 -15.95
CA THR A 340 -10.21 1.09 -16.60
C THR A 340 -11.29 1.22 -15.53
N GLN A 341 -12.12 2.26 -15.65
CA GLN A 341 -13.20 2.54 -14.70
C GLN A 341 -14.48 1.76 -15.01
N ASN A 342 -14.37 0.69 -15.80
CA ASN A 342 -15.49 -0.08 -16.33
C ASN A 342 -16.44 0.80 -17.12
N LYS A 343 -17.67 0.32 -17.35
CA LYS A 343 -18.72 1.06 -18.06
C LYS A 343 -18.24 1.50 -19.45
N MET A 344 -18.06 0.53 -20.34
CA MET A 344 -17.52 0.83 -21.65
C MET A 344 -18.54 1.58 -22.50
N THR A 345 -18.06 2.12 -23.62
CA THR A 345 -18.92 2.72 -24.65
C THR A 345 -18.38 2.28 -26.00
N VAL A 346 -19.08 1.35 -26.66
CA VAL A 346 -18.67 0.88 -27.97
C VAL A 346 -18.77 2.02 -28.99
N VAL A 347 -17.65 2.29 -29.68
CA VAL A 347 -17.57 3.44 -30.55
C VAL A 347 -17.67 3.09 -32.03
N ASP A 348 -17.37 1.85 -32.42
CA ASP A 348 -17.45 1.45 -33.80
C ASP A 348 -17.88 0.00 -33.87
N TYR A 349 -18.41 -0.38 -35.04
CA TYR A 349 -18.92 -1.75 -35.20
C TYR A 349 -18.67 -2.22 -36.62
N TYR A 350 -18.67 -3.54 -36.81
CA TYR A 350 -18.48 -4.17 -38.11
C TYR A 350 -19.74 -4.93 -38.47
N LEU A 351 -20.10 -4.88 -39.76
CA LEU A 351 -21.20 -5.66 -40.31
C LEU A 351 -20.68 -6.33 -41.57
N PRO A 352 -20.96 -7.62 -41.76
CA PRO A 352 -20.51 -8.29 -42.99
C PRO A 352 -21.03 -7.66 -44.28
N ASP A 353 -22.23 -7.06 -44.25
CA ASP A 353 -22.67 -6.28 -45.41
C ASP A 353 -21.82 -5.02 -45.58
N GLY A 354 -21.54 -4.31 -44.49
CA GLY A 354 -20.60 -3.22 -44.52
C GLY A 354 -21.19 -1.82 -44.66
N THR A 355 -21.19 -1.07 -43.56
CA THR A 355 -21.57 0.34 -43.57
C THR A 355 -21.00 1.00 -42.33
N LYS A 356 -21.36 2.27 -42.14
CA LYS A 356 -20.95 3.03 -40.96
C LYS A 356 -22.00 2.86 -39.86
N GLU A 357 -21.91 3.69 -38.82
CA GLU A 357 -22.90 3.63 -37.74
C GLU A 357 -24.24 4.16 -38.22
N ASN A 358 -25.31 3.40 -37.96
CA ASN A 358 -26.64 3.81 -38.38
C ASN A 358 -27.71 3.50 -37.33
N PHE A 359 -27.32 3.25 -36.08
CA PHE A 359 -28.29 2.86 -35.06
C PHE A 359 -29.12 4.01 -34.48
N PRO A 360 -28.54 5.16 -34.07
CA PRO A 360 -29.39 6.18 -33.42
C PRO A 360 -30.50 6.73 -34.30
N GLU A 361 -30.25 6.87 -35.60
CA GLU A 361 -31.24 7.50 -36.48
C GLU A 361 -32.37 6.53 -36.79
N SER A 362 -32.06 5.24 -36.95
CA SER A 362 -32.98 4.22 -37.45
C SER A 362 -34.17 4.00 -36.53
N PRO A 363 -35.38 4.42 -36.94
CA PRO A 363 -36.57 4.17 -36.11
C PRO A 363 -37.02 2.72 -36.17
N GLU A 364 -37.01 2.15 -37.37
CA GLU A 364 -37.46 0.78 -37.60
C GLU A 364 -36.27 -0.16 -37.44
N ASN A 365 -36.45 -1.42 -37.89
CA ASN A 365 -35.40 -2.42 -37.78
C ASN A 365 -34.20 -2.13 -38.67
N TRP A 366 -34.36 -1.31 -39.69
CA TRP A 366 -33.30 -0.89 -40.63
C TRP A 366 -32.78 -2.15 -41.34
N SER A 367 -31.46 -2.29 -41.48
CA SER A 367 -30.89 -3.47 -42.12
C SER A 367 -31.03 -4.70 -41.23
N GLU A 368 -30.99 -5.87 -41.87
CA GLU A 368 -31.18 -7.12 -41.14
C GLU A 368 -30.00 -7.40 -40.20
N GLY A 369 -28.77 -7.07 -40.63
CA GLY A 369 -27.62 -7.29 -39.77
C GLY A 369 -27.66 -6.44 -38.52
N GLU A 370 -28.03 -5.16 -38.67
CA GLU A 370 -28.11 -4.26 -37.53
C GLU A 370 -29.17 -4.72 -36.53
N ARG A 371 -30.36 -5.10 -37.02
CA ARG A 371 -31.41 -5.53 -36.11
C ARG A 371 -31.06 -6.84 -35.42
N ARG A 372 -30.47 -7.79 -36.16
CA ARG A 372 -30.09 -9.05 -35.53
C ARG A 372 -29.01 -8.84 -34.48
N LEU A 373 -28.04 -7.96 -34.77
CA LEU A 373 -27.00 -7.64 -33.79
C LEU A 373 -27.59 -6.99 -32.56
N ILE A 374 -28.54 -6.07 -32.75
CA ILE A 374 -29.16 -5.38 -31.62
C ILE A 374 -29.94 -6.35 -30.75
N HIS A 375 -30.74 -7.23 -31.37
CA HIS A 375 -31.53 -8.17 -30.58
C HIS A 375 -30.64 -9.17 -29.84
N ILE A 376 -29.57 -9.65 -30.47
CA ILE A 376 -28.72 -10.59 -29.73
C ILE A 376 -27.95 -9.85 -28.63
N ALA A 377 -27.56 -8.61 -28.87
CA ALA A 377 -26.87 -7.83 -27.85
C ALA A 377 -27.77 -7.61 -26.64
N VAL A 378 -29.05 -7.33 -26.88
CA VAL A 378 -29.99 -7.16 -25.77
C VAL A 378 -30.27 -8.49 -25.08
N LEU A 379 -30.47 -9.56 -25.85
CA LEU A 379 -30.92 -10.82 -25.28
C LEU A 379 -29.82 -11.51 -24.48
N CYS A 380 -28.60 -11.56 -25.02
CA CYS A 380 -27.49 -12.17 -24.30
C CYS A 380 -27.02 -11.32 -23.13
N ASN A 381 -27.50 -10.09 -23.01
CA ASN A 381 -27.13 -9.20 -21.93
C ASN A 381 -27.78 -9.68 -20.63
N ASP A 382 -26.97 -10.17 -19.70
CA ASP A 382 -27.50 -10.61 -18.42
C ASP A 382 -27.94 -9.41 -17.58
N SER A 383 -27.22 -8.29 -17.69
CA SER A 383 -27.53 -7.12 -16.89
C SER A 383 -28.63 -6.29 -17.53
N ASN A 384 -28.94 -5.17 -16.91
CA ASN A 384 -29.94 -4.23 -17.41
C ASN A 384 -29.63 -2.85 -16.84
N ILE A 385 -30.18 -1.82 -17.48
CA ILE A 385 -29.91 -0.45 -17.04
C ILE A 385 -30.63 -0.16 -15.73
N ASN A 386 -31.82 -0.76 -15.53
CA ASN A 386 -32.70 -0.46 -14.40
C ASN A 386 -32.92 1.04 -14.24
N SER A 387 -32.86 1.53 -13.00
CA SER A 387 -32.84 2.96 -12.77
C SER A 387 -31.51 3.54 -13.26
N GLU A 388 -31.57 4.79 -13.72
CA GLU A 388 -30.39 5.42 -14.29
C GLU A 388 -29.29 5.59 -13.23
N GLY A 389 -28.06 5.28 -13.62
CA GLY A 389 -26.94 5.33 -12.70
C GLY A 389 -26.75 4.10 -11.84
N LYS A 390 -27.48 3.02 -12.12
CA LYS A 390 -27.40 1.79 -11.33
C LYS A 390 -27.02 0.64 -12.25
N GLU A 391 -25.76 0.20 -12.14
CA GLU A 391 -25.25 -0.91 -12.94
C GLU A 391 -24.84 -2.04 -12.00
N LEU A 392 -25.28 -3.25 -12.31
CA LEU A 392 -25.07 -4.39 -11.43
C LEU A 392 -24.27 -5.53 -12.06
N GLY A 393 -24.45 -5.77 -13.35
CA GLY A 393 -23.89 -6.94 -13.99
C GLY A 393 -22.46 -6.73 -14.48
N ASP A 394 -22.08 -7.59 -15.42
CA ASP A 394 -20.74 -7.52 -16.00
C ASP A 394 -20.56 -6.21 -16.77
N PRO A 395 -19.38 -5.60 -16.71
CA PRO A 395 -19.17 -4.32 -17.42
C PRO A 395 -19.40 -4.39 -18.92
N THR A 396 -19.09 -5.53 -19.56
CA THR A 396 -19.35 -5.66 -21.00
C THR A 396 -20.84 -5.63 -21.29
N GLU A 397 -21.64 -6.35 -20.49
CA GLU A 397 -23.08 -6.38 -20.69
C GLU A 397 -23.71 -5.04 -20.33
N VAL A 398 -23.20 -4.39 -19.28
CA VAL A 398 -23.67 -3.04 -18.93
C VAL A 398 -23.39 -2.08 -20.08
N ALA A 399 -22.20 -2.17 -20.67
CA ALA A 399 -21.85 -1.34 -21.81
C ALA A 399 -22.75 -1.62 -23.01
N LEU A 400 -23.03 -2.89 -23.28
CA LEU A 400 -23.87 -3.24 -24.43
C LEU A 400 -25.30 -2.73 -24.26
N ILE A 401 -25.86 -2.88 -23.06
CA ILE A 401 -27.23 -2.39 -22.85
C ILE A 401 -27.24 -0.86 -22.84
N ALA A 402 -26.19 -0.21 -22.34
CA ALA A 402 -26.11 1.24 -22.42
C ALA A 402 -25.99 1.72 -23.86
N PHE A 403 -25.28 0.97 -24.70
CA PHE A 403 -25.23 1.27 -26.12
C PHE A 403 -26.59 1.11 -26.78
N SER A 404 -27.31 0.04 -26.44
CA SER A 404 -28.63 -0.18 -27.01
C SER A 404 -29.60 0.93 -26.61
N ASN A 405 -29.56 1.35 -25.35
CA ASN A 405 -30.44 2.40 -24.87
C ASN A 405 -29.97 3.79 -25.26
N LYS A 406 -28.70 3.93 -25.67
CA LYS A 406 -28.19 5.23 -26.12
C LYS A 406 -28.66 5.56 -27.52
N ASN A 407 -28.71 4.55 -28.40
CA ASN A 407 -29.05 4.76 -29.80
C ASN A 407 -30.54 4.51 -30.00
N ASN A 408 -31.22 5.49 -30.60
CA ASN A 408 -32.66 5.44 -30.87
C ASN A 408 -33.47 5.18 -29.59
N GLN A 409 -33.07 5.84 -28.52
CA GLN A 409 -33.78 5.89 -27.22
C GLN A 409 -33.87 4.48 -26.65
N ASP A 410 -35.02 4.06 -26.11
CA ASP A 410 -35.10 2.87 -25.29
C ASP A 410 -35.04 1.60 -26.14
N TYR A 411 -34.19 0.66 -25.73
CA TYR A 411 -34.12 -0.66 -26.34
C TYR A 411 -34.13 -1.81 -25.34
N ASN A 412 -34.00 -1.53 -24.03
CA ASN A 412 -34.05 -2.60 -23.05
C ASN A 412 -35.45 -3.19 -22.88
N GLU A 413 -36.50 -2.47 -23.27
CA GLU A 413 -37.86 -2.98 -23.10
C GLU A 413 -38.14 -4.16 -24.02
N ILE A 414 -37.32 -4.37 -25.04
CA ILE A 414 -37.52 -5.50 -25.93
C ILE A 414 -37.13 -6.83 -25.29
N ARG A 415 -36.35 -6.80 -24.20
CA ARG A 415 -35.90 -8.04 -23.59
C ARG A 415 -37.02 -8.75 -22.83
N GLU A 416 -37.85 -8.00 -22.12
CA GLU A 416 -38.94 -8.62 -21.36
C GLU A 416 -39.98 -9.27 -22.26
N LYS A 417 -40.12 -8.82 -23.50
CA LYS A 417 -40.92 -9.56 -24.47
C LYS A 417 -40.05 -10.52 -25.28
N PHE A 418 -39.22 -11.29 -24.55
CA PHE A 418 -38.34 -12.28 -25.15
C PHE A 418 -37.92 -13.23 -24.04
N ILE A 419 -38.36 -14.49 -24.12
CA ILE A 419 -38.06 -15.45 -23.06
C ILE A 419 -36.59 -15.85 -23.12
N ARG A 420 -36.07 -16.29 -21.99
CA ARG A 420 -34.66 -16.69 -21.84
C ARG A 420 -34.65 -18.19 -21.51
N GLU A 421 -34.64 -19.02 -22.55
CA GLU A 421 -34.78 -20.46 -22.36
C GLU A 421 -33.44 -21.11 -22.00
N GLY A 422 -32.45 -21.04 -22.89
CA GLY A 422 -31.19 -21.70 -22.67
C GLY A 422 -30.02 -20.76 -22.48
N GLU A 423 -29.49 -20.68 -21.26
CA GLU A 423 -28.41 -19.76 -20.92
C GLU A 423 -27.22 -20.57 -20.44
N ILE A 424 -26.15 -20.55 -21.23
CA ILE A 424 -24.90 -21.20 -20.82
C ILE A 424 -24.27 -20.42 -19.69
N PRO A 425 -23.78 -21.06 -18.62
CA PRO A 425 -23.28 -20.32 -17.45
C PRO A 425 -21.96 -19.59 -17.65
N PHE A 426 -21.47 -19.51 -18.88
CA PHE A 426 -20.27 -18.76 -19.25
C PHE A 426 -19.04 -19.28 -18.48
N ASP A 427 -18.70 -20.54 -18.76
CA ASP A 427 -17.54 -21.16 -18.15
C ASP A 427 -16.26 -20.48 -18.63
N SER A 428 -15.23 -20.51 -17.76
CA SER A 428 -13.96 -19.86 -18.07
C SER A 428 -13.25 -20.47 -19.27
N ASP A 429 -13.63 -21.70 -19.67
CA ASP A 429 -13.09 -22.33 -20.86
C ASP A 429 -14.09 -22.38 -22.01
N ARG A 430 -15.16 -21.58 -21.94
CA ARG A 430 -16.27 -21.71 -22.87
C ARG A 430 -16.44 -20.51 -23.79
N LYS A 431 -16.61 -19.30 -23.22
CA LYS A 431 -16.83 -18.06 -23.98
C LYS A 431 -18.04 -18.16 -24.91
N LEU A 432 -19.09 -18.80 -24.44
CA LEU A 432 -20.30 -19.00 -25.24
C LEU A 432 -21.54 -18.71 -24.41
N MET A 433 -21.57 -17.55 -23.75
CA MET A 433 -22.73 -17.10 -23.01
C MET A 433 -23.95 -17.05 -23.92
N SER A 434 -24.91 -17.94 -23.68
CA SER A 434 -25.96 -18.25 -24.64
C SER A 434 -27.31 -17.69 -24.18
N THR A 435 -28.25 -17.70 -25.11
CA THR A 435 -29.61 -17.21 -24.88
C THR A 435 -30.52 -17.86 -25.92
N LEU A 436 -31.70 -18.29 -25.49
CA LEU A 436 -32.68 -18.87 -26.39
C LEU A 436 -34.04 -18.26 -26.10
N HIS A 437 -34.76 -17.90 -27.17
CA HIS A 437 -36.09 -17.31 -27.06
C HIS A 437 -37.06 -18.02 -27.98
N THR A 438 -38.35 -17.93 -27.62
CA THR A 438 -39.43 -18.55 -28.38
C THR A 438 -40.46 -17.53 -28.86
N PHE A 439 -40.10 -16.25 -28.87
CA PHE A 439 -41.06 -15.21 -29.23
C PHE A 439 -41.32 -15.18 -30.74
N ASN A 440 -40.28 -14.91 -31.53
CA ASN A 440 -40.39 -14.92 -32.98
C ASN A 440 -39.74 -16.16 -33.59
N GLU A 441 -38.48 -16.41 -33.27
CA GLU A 441 -37.81 -17.64 -33.66
C GLU A 441 -38.06 -18.70 -32.59
N ASN A 442 -38.14 -19.97 -33.02
CA ASN A 442 -38.53 -21.03 -32.11
C ASN A 442 -37.40 -21.39 -31.15
N LYS A 443 -36.23 -21.75 -31.70
CA LYS A 443 -35.09 -22.23 -30.91
C LYS A 443 -33.85 -21.41 -31.23
N ALA A 444 -33.98 -20.08 -31.21
CA ALA A 444 -32.92 -19.18 -31.63
C ALA A 444 -31.66 -19.34 -30.78
N MET A 445 -30.60 -19.87 -31.38
CA MET A 445 -29.35 -20.16 -30.69
C MET A 445 -28.56 -18.85 -30.68
N LEU A 446 -28.72 -18.08 -29.61
CA LEU A 446 -28.19 -16.73 -29.53
C LEU A 446 -27.06 -16.70 -28.51
N THR A 447 -25.85 -16.41 -28.97
CA THR A 447 -24.69 -16.45 -28.07
C THR A 447 -23.70 -15.35 -28.43
N LYS A 448 -22.94 -14.93 -27.43
CA LYS A 448 -21.83 -14.00 -27.57
C LYS A 448 -20.54 -14.68 -27.15
N GLY A 449 -19.42 -14.00 -27.41
CA GLY A 449 -18.13 -14.54 -27.03
C GLY A 449 -17.01 -13.78 -27.71
N GLY A 450 -15.81 -14.33 -27.61
CA GLY A 450 -14.63 -13.75 -28.20
C GLY A 450 -14.66 -13.79 -29.71
N PRO A 451 -13.84 -12.97 -30.35
CA PRO A 451 -13.85 -12.91 -31.82
C PRO A 451 -13.30 -14.18 -32.46
N ASP A 452 -12.10 -14.59 -32.05
CA ASP A 452 -11.44 -15.73 -32.67
C ASP A 452 -12.15 -17.04 -32.34
N VAL A 453 -12.72 -17.15 -31.15
CA VAL A 453 -13.41 -18.39 -30.76
C VAL A 453 -14.65 -18.61 -31.61
N MET A 454 -15.46 -17.56 -31.79
CA MET A 454 -16.61 -17.66 -32.70
C MET A 454 -16.16 -17.83 -34.15
N PHE A 455 -15.06 -17.18 -34.54
CA PHE A 455 -14.59 -17.31 -35.93
C PHE A 455 -14.17 -18.74 -36.24
N ALA A 456 -13.53 -19.41 -35.27
CA ALA A 456 -13.18 -20.81 -35.44
C ALA A 456 -14.33 -21.75 -35.13
N ARG A 457 -15.42 -21.26 -34.52
CA ARG A 457 -16.55 -22.09 -34.13
C ARG A 457 -17.76 -21.90 -35.04
N CYS A 458 -18.21 -20.66 -35.23
CA CYS A 458 -19.31 -20.40 -36.14
C CYS A 458 -18.87 -20.64 -37.58
N SER A 459 -19.81 -21.11 -38.41
CA SER A 459 -19.46 -21.56 -39.75
C SER A 459 -20.48 -21.11 -40.80
N TYR A 460 -21.00 -19.89 -40.70
CA TYR A 460 -21.90 -19.36 -41.72
C TYR A 460 -21.75 -17.85 -41.77
N VAL A 461 -21.90 -17.29 -42.97
CA VAL A 461 -21.82 -15.85 -43.18
C VAL A 461 -23.22 -15.29 -43.29
N PHE A 462 -23.42 -14.10 -42.74
CA PHE A 462 -24.73 -13.43 -42.74
C PHE A 462 -24.73 -12.28 -43.73
N LEU A 463 -25.14 -12.57 -44.96
CA LEU A 463 -25.40 -11.55 -45.99
C LEU A 463 -26.88 -11.63 -46.34
N ASP A 464 -27.67 -10.77 -45.70
CA ASP A 464 -29.14 -10.73 -45.84
C ASP A 464 -29.69 -12.09 -45.43
N GLY A 465 -30.44 -12.79 -46.27
CA GLY A 465 -30.95 -14.11 -45.94
C GLY A 465 -30.01 -15.25 -46.23
N GLU A 466 -28.85 -14.98 -46.83
CA GLU A 466 -27.90 -16.04 -47.14
C GLU A 466 -27.17 -16.48 -45.89
N GLU A 467 -27.12 -17.81 -45.68
CA GLU A 467 -26.37 -18.42 -44.58
C GLU A 467 -25.50 -19.52 -45.20
N LYS A 468 -24.32 -19.08 -45.68
CA LYS A 468 -23.37 -19.97 -46.39
C LYS A 468 -22.04 -19.97 -45.62
N PRO A 469 -21.21 -21.04 -45.67
CA PRO A 469 -20.04 -21.16 -44.80
C PRO A 469 -18.89 -20.25 -45.17
N MET A 470 -17.87 -20.26 -44.30
CA MET A 470 -16.70 -19.40 -44.46
C MET A 470 -15.81 -19.88 -45.59
N THR A 471 -15.17 -18.93 -46.27
CA THR A 471 -14.08 -19.21 -47.20
C THR A 471 -12.84 -18.42 -46.77
N GLU A 472 -11.75 -18.57 -47.52
CA GLU A 472 -10.48 -17.96 -47.14
C GLU A 472 -10.53 -16.43 -47.21
N GLU A 473 -11.14 -15.88 -48.27
CA GLU A 473 -11.21 -14.43 -48.39
C GLU A 473 -12.19 -13.83 -47.39
N ILE A 474 -13.30 -14.53 -47.14
CA ILE A 474 -14.28 -14.05 -46.17
C ILE A 474 -13.68 -14.03 -44.76
N LEU A 475 -13.07 -15.16 -44.36
CA LEU A 475 -12.40 -15.25 -43.07
C LEU A 475 -11.27 -14.23 -42.97
N ALA A 476 -10.56 -13.99 -44.08
CA ALA A 476 -9.52 -12.98 -44.09
C ALA A 476 -10.09 -11.59 -43.83
N LYS A 477 -11.27 -11.30 -44.39
CA LYS A 477 -11.86 -9.97 -44.15
C LYS A 477 -12.33 -9.85 -42.70
N LEU A 478 -12.90 -10.92 -42.15
CA LEU A 478 -13.29 -10.90 -40.73
C LEU A 478 -12.08 -10.64 -39.85
N LYS A 479 -10.98 -11.33 -40.12
CA LYS A 479 -9.76 -11.10 -39.35
C LYS A 479 -9.21 -9.70 -39.60
N GLU A 480 -9.40 -9.16 -40.80
CA GLU A 480 -8.92 -7.81 -41.10
C GLU A 480 -9.64 -6.78 -40.24
N THR A 481 -10.98 -6.85 -40.19
CA THR A 481 -11.71 -5.95 -39.30
C THR A 481 -11.43 -6.25 -37.83
N ASN A 482 -11.15 -7.50 -37.49
CA ASN A 482 -10.83 -7.83 -36.10
C ASN A 482 -9.54 -7.16 -35.65
N GLU A 483 -8.48 -7.28 -36.45
CA GLU A 483 -7.23 -6.61 -36.08
C GLU A 483 -7.32 -5.10 -36.27
N GLU A 484 -8.20 -4.62 -37.15
CA GLU A 484 -8.42 -3.19 -37.27
C GLU A 484 -9.04 -2.62 -36.00
N PHE A 485 -10.03 -3.32 -35.45
CA PHE A 485 -10.58 -2.93 -34.15
C PHE A 485 -9.56 -3.14 -33.04
N SER A 486 -8.71 -4.16 -33.16
CA SER A 486 -7.74 -4.47 -32.13
C SER A 486 -6.69 -3.37 -32.00
N ASN A 487 -6.11 -2.92 -33.10
CA ASN A 487 -5.08 -1.89 -33.04
C ASN A 487 -5.64 -0.53 -32.64
N GLN A 488 -6.96 -0.36 -32.64
CA GLN A 488 -7.61 0.82 -32.08
C GLN A 488 -7.83 0.71 -30.59
N ALA A 489 -7.29 -0.35 -29.95
CA ALA A 489 -7.49 -0.64 -28.53
C ALA A 489 -8.97 -0.81 -28.20
N LEU A 490 -9.64 -1.65 -28.99
CA LEU A 490 -11.07 -1.91 -28.84
C LEU A 490 -11.26 -3.42 -28.67
N ARG A 491 -11.67 -3.85 -27.48
CA ARG A 491 -12.08 -5.24 -27.33
C ARG A 491 -13.42 -5.44 -28.01
N VAL A 492 -13.61 -6.61 -28.61
CA VAL A 492 -14.71 -6.82 -29.55
C VAL A 492 -15.28 -8.22 -29.34
N LEU A 493 -16.60 -8.34 -29.47
CA LEU A 493 -17.33 -9.58 -29.25
C LEU A 493 -18.09 -9.98 -30.51
N ALA A 494 -18.19 -11.29 -30.74
CA ALA A 494 -18.88 -11.84 -31.90
C ALA A 494 -20.15 -12.55 -31.49
N TYR A 495 -21.11 -12.60 -32.41
CA TYR A 495 -22.47 -13.04 -32.12
C TYR A 495 -22.96 -13.99 -33.21
N GLY A 496 -23.94 -14.81 -32.86
CA GLY A 496 -24.45 -15.82 -33.77
C GLY A 496 -25.92 -16.10 -33.58
N TYR A 497 -26.58 -16.48 -34.68
CA TYR A 497 -28.04 -16.64 -34.70
C TYR A 497 -28.50 -18.01 -35.18
N LYS A 498 -27.76 -18.67 -36.07
CA LYS A 498 -28.26 -19.82 -36.82
C LYS A 498 -28.56 -20.99 -35.90
N ARG A 499 -29.68 -21.67 -36.16
CA ARG A 499 -30.16 -22.74 -35.30
C ARG A 499 -31.00 -23.70 -36.13
N MET A 500 -31.14 -24.92 -35.61
CA MET A 500 -32.15 -25.84 -36.14
C MET A 500 -33.51 -25.48 -35.56
N PRO A 501 -34.62 -25.73 -36.29
CA PRO A 501 -35.94 -25.46 -35.73
C PRO A 501 -36.16 -26.25 -34.43
N ALA A 502 -36.17 -27.59 -34.53
CA ALA A 502 -36.35 -28.45 -33.34
C ALA A 502 -37.46 -27.89 -32.44
N ASP A 503 -37.20 -27.81 -31.13
CA ASP A 503 -38.20 -27.29 -30.16
C ASP A 503 -37.47 -26.89 -28.87
N THR A 504 -38.21 -26.75 -27.77
CA THR A 504 -37.56 -26.32 -26.52
C THR A 504 -36.58 -27.40 -26.07
N THR A 505 -35.29 -27.13 -26.21
CA THR A 505 -34.25 -28.12 -25.92
C THR A 505 -33.98 -28.15 -24.41
N GLU A 506 -32.93 -28.88 -24.02
CA GLU A 506 -32.54 -29.01 -22.62
C GLU A 506 -31.50 -27.97 -22.20
N LEU A 507 -31.46 -26.83 -22.88
CA LEU A 507 -30.53 -25.73 -22.63
C LEU A 507 -29.08 -26.14 -22.74
N LYS A 508 -28.78 -27.17 -23.53
CA LYS A 508 -27.41 -27.65 -23.68
C LYS A 508 -26.77 -27.04 -24.92
N LEU A 509 -25.58 -27.52 -25.29
CA LEU A 509 -24.89 -27.00 -26.46
C LEU A 509 -25.56 -27.42 -27.76
N GLU A 510 -26.07 -28.66 -27.82
CA GLU A 510 -26.68 -29.25 -29.00
C GLU A 510 -25.72 -29.22 -30.19
N ASP A 511 -26.04 -28.44 -31.22
CA ASP A 511 -25.22 -28.30 -32.41
C ASP A 511 -24.49 -26.97 -32.33
N GLU A 512 -23.19 -27.02 -32.04
CA GLU A 512 -22.38 -25.82 -31.86
C GLU A 512 -21.31 -25.69 -32.94
N GLN A 513 -21.52 -26.31 -34.10
CA GLN A 513 -20.65 -26.15 -35.24
C GLN A 513 -21.32 -25.51 -36.44
N ASP A 514 -22.60 -25.14 -36.32
CA ASP A 514 -23.34 -24.48 -37.40
C ASP A 514 -24.02 -23.23 -36.82
N ILE A 515 -23.26 -22.13 -36.78
CA ILE A 515 -23.75 -20.84 -36.30
C ILE A 515 -23.39 -19.79 -37.34
N VAL A 516 -24.32 -18.86 -37.60
CA VAL A 516 -24.04 -17.79 -38.54
C VAL A 516 -23.32 -16.67 -37.78
N LEU A 517 -22.73 -15.75 -38.53
CA LEU A 517 -21.86 -14.72 -37.96
C LEU A 517 -22.55 -13.37 -38.12
N VAL A 518 -23.13 -12.89 -37.02
CA VAL A 518 -23.73 -11.56 -36.96
C VAL A 518 -22.59 -10.56 -36.71
N GLY A 519 -22.86 -9.27 -36.88
CA GLY A 519 -21.82 -8.26 -36.88
C GLY A 519 -21.08 -8.15 -35.56
N LEU A 520 -19.97 -7.43 -35.63
CA LEU A 520 -19.01 -7.33 -34.54
C LEU A 520 -19.05 -5.93 -33.96
N THR A 521 -19.14 -5.82 -32.64
CA THR A 521 -19.14 -4.53 -31.95
C THR A 521 -17.91 -4.44 -31.05
N ALA A 522 -17.13 -3.38 -31.23
CA ALA A 522 -15.85 -3.22 -30.56
C ALA A 522 -15.93 -2.05 -29.57
N MET A 523 -15.71 -2.34 -28.30
CA MET A 523 -15.88 -1.37 -27.22
C MET A 523 -14.53 -0.84 -26.76
N ILE A 524 -14.42 0.47 -26.62
CA ILE A 524 -13.17 1.09 -26.19
C ILE A 524 -13.02 0.88 -24.69
N ASP A 525 -11.78 0.68 -24.25
CA ASP A 525 -11.51 0.52 -22.84
C ASP A 525 -10.88 1.80 -22.31
N PRO A 526 -11.63 2.65 -21.63
CA PRO A 526 -11.12 3.97 -21.25
C PRO A 526 -10.34 3.91 -19.94
N PRO A 527 -9.13 4.47 -19.92
CA PRO A 527 -8.38 4.52 -18.66
C PRO A 527 -8.99 5.52 -17.69
N ARG A 528 -8.67 5.32 -16.41
CA ARG A 528 -9.09 6.23 -15.36
C ARG A 528 -8.43 7.60 -15.56
N GLU A 529 -8.96 8.60 -14.89
CA GLU A 529 -8.38 9.94 -14.96
C GLU A 529 -7.00 9.95 -14.33
N ALA A 530 -6.11 10.77 -14.92
CA ALA A 530 -4.72 10.91 -14.52
C ALA A 530 -3.93 9.61 -14.60
N VAL A 531 -4.41 8.64 -15.39
CA VAL A 531 -3.63 7.42 -15.61
C VAL A 531 -2.42 7.72 -16.48
N TYR A 532 -2.58 8.57 -17.50
CA TYR A 532 -1.46 8.94 -18.35
C TYR A 532 -0.36 9.65 -17.56
N ALA A 533 -0.75 10.59 -16.71
CA ALA A 533 0.22 11.34 -15.92
C ALA A 533 0.93 10.45 -14.91
N SER A 534 0.19 9.56 -14.24
CA SER A 534 0.81 8.65 -13.28
C SER A 534 1.73 7.66 -13.98
N ILE A 535 1.33 7.19 -15.17
CA ILE A 535 2.17 6.28 -15.94
C ILE A 535 3.47 6.97 -16.35
N GLU A 536 3.37 8.22 -16.81
CA GLU A 536 4.56 8.95 -17.22
C GLU A 536 5.47 9.24 -16.03
N GLU A 537 4.89 9.57 -14.87
CA GLU A 537 5.71 9.85 -13.69
C GLU A 537 6.30 8.57 -13.11
N SER A 538 5.66 7.42 -13.33
CA SER A 538 6.24 6.15 -12.91
C SER A 538 7.38 5.74 -13.83
N LYS A 539 7.20 5.93 -15.14
CA LYS A 539 8.26 5.62 -16.09
C LYS A 539 9.45 6.56 -15.93
N LYS A 540 9.19 7.81 -15.54
CA LYS A 540 10.28 8.74 -15.25
C LYS A 540 11.00 8.37 -13.97
N ALA A 541 10.32 7.68 -13.06
CA ALA A 541 10.89 7.26 -11.79
C ALA A 541 11.61 5.91 -11.88
N GLY A 542 11.70 5.33 -13.06
CA GLY A 542 12.32 4.02 -13.21
C GLY A 542 11.43 2.87 -12.81
N ILE A 543 10.19 3.13 -12.44
CA ILE A 543 9.24 2.09 -12.06
C ILE A 543 8.63 1.53 -13.34
N ARG A 544 9.23 0.46 -13.87
CA ARG A 544 8.66 -0.19 -15.04
C ARG A 544 7.33 -0.83 -14.66
N THR A 545 6.29 -0.52 -15.42
CA THR A 545 4.97 -1.03 -15.13
C THR A 545 4.62 -2.20 -16.04
N VAL A 546 3.83 -3.13 -15.52
CA VAL A 546 3.46 -4.36 -16.22
C VAL A 546 1.95 -4.54 -16.07
N MET A 547 1.28 -4.85 -17.17
CA MET A 547 -0.17 -4.94 -17.19
C MET A 547 -0.61 -6.29 -17.76
N ILE A 548 -1.43 -7.02 -16.99
CA ILE A 548 -1.95 -8.32 -17.39
C ILE A 548 -3.38 -8.16 -17.84
N THR A 549 -3.78 -8.97 -18.81
CA THR A 549 -5.14 -8.92 -19.33
C THR A 549 -5.52 -10.31 -19.80
N GLY A 550 -6.84 -10.55 -19.92
CA GLY A 550 -7.35 -11.81 -20.40
C GLY A 550 -8.01 -11.82 -21.77
N ASP A 551 -8.03 -10.70 -22.48
CA ASP A 551 -8.68 -10.65 -23.78
C ASP A 551 -7.68 -10.97 -24.89
N HIS A 552 -8.05 -10.65 -26.12
CA HIS A 552 -7.22 -10.94 -27.28
C HIS A 552 -5.94 -10.10 -27.21
N LYS A 553 -4.87 -10.61 -27.82
CA LYS A 553 -3.53 -10.10 -27.55
C LYS A 553 -3.33 -8.68 -28.07
N THR A 554 -3.45 -8.47 -29.38
CA THR A 554 -3.12 -7.18 -29.95
C THR A 554 -4.07 -6.07 -29.50
N THR A 555 -5.28 -6.43 -29.04
CA THR A 555 -6.12 -5.45 -28.36
C THR A 555 -5.42 -4.91 -27.12
N ALA A 556 -4.88 -5.81 -26.29
CA ALA A 556 -4.14 -5.38 -25.11
C ALA A 556 -2.85 -4.66 -25.48
N GLN A 557 -2.22 -5.04 -26.61
CA GLN A 557 -1.03 -4.34 -27.07
C GLN A 557 -1.36 -2.90 -27.44
N ALA A 558 -2.46 -2.68 -28.15
CA ALA A 558 -2.86 -1.32 -28.50
C ALA A 558 -3.30 -0.54 -27.27
N ILE A 559 -3.94 -1.23 -26.31
CA ILE A 559 -4.27 -0.58 -25.04
C ILE A 559 -3.01 -0.11 -24.33
N GLY A 560 -1.98 -0.95 -24.30
CA GLY A 560 -0.72 -0.56 -23.69
C GLY A 560 -0.03 0.57 -24.43
N ARG A 561 -0.15 0.58 -25.75
CA ARG A 561 0.37 1.72 -26.54
C ARG A 561 -0.37 3.00 -26.18
N ASP A 562 -1.69 2.91 -26.00
CA ASP A 562 -2.48 4.07 -25.61
C ASP A 562 -2.07 4.56 -24.22
N ILE A 563 -1.87 3.62 -23.28
CA ILE A 563 -1.55 3.98 -21.90
C ILE A 563 -0.20 4.68 -21.82
N GLY A 564 0.80 4.14 -22.51
CA GLY A 564 2.10 4.78 -22.56
C GLY A 564 3.25 3.92 -22.08
N LEU A 565 3.01 2.63 -21.90
CA LEU A 565 4.06 1.70 -21.49
C LEU A 565 4.68 0.99 -22.68
N MET A 566 4.20 1.26 -23.90
CA MET A 566 4.73 0.68 -25.12
C MET A 566 5.39 1.78 -25.94
N ASP A 567 6.67 1.58 -26.28
CA ASP A 567 7.38 2.48 -27.17
C ASP A 567 8.61 1.74 -27.70
N ALA A 568 8.79 1.77 -29.01
CA ALA A 568 9.97 1.25 -29.70
C ALA A 568 10.21 -0.24 -29.45
N ASP A 569 11.24 -0.55 -28.66
CA ASP A 569 11.77 -1.91 -28.56
C ASP A 569 10.94 -2.83 -27.66
N ASP A 570 9.92 -2.32 -26.97
CA ASP A 570 9.15 -3.16 -26.07
C ASP A 570 8.30 -4.17 -26.84
N ILE A 571 8.10 -5.33 -26.21
CA ILE A 571 7.43 -6.46 -26.83
C ILE A 571 6.33 -6.93 -25.90
N ALA A 572 5.49 -7.84 -26.40
CA ALA A 572 4.41 -8.43 -25.61
C ALA A 572 4.18 -9.87 -26.04
N LEU A 573 3.99 -10.75 -25.05
CA LEU A 573 3.83 -12.17 -25.28
C LEU A 573 2.60 -12.67 -24.52
N THR A 574 1.84 -13.56 -25.14
CA THR A 574 0.60 -14.03 -24.55
C THR A 574 0.88 -15.00 -23.41
N GLY A 575 -0.20 -15.39 -22.72
CA GLY A 575 -0.08 -16.41 -21.68
C GLY A 575 0.30 -17.77 -22.22
N GLN A 576 -0.21 -18.11 -23.42
CA GLN A 576 0.12 -19.38 -24.03
C GLN A 576 1.61 -19.48 -24.35
N GLU A 577 2.20 -18.39 -24.84
CA GLU A 577 3.65 -18.34 -25.00
C GLU A 577 4.36 -18.19 -23.66
N LEU A 578 3.67 -17.67 -22.65
CA LEU A 578 4.28 -17.50 -21.33
C LEU A 578 4.53 -18.83 -20.66
N ASP A 579 3.54 -19.73 -20.68
CA ASP A 579 3.69 -21.03 -20.03
C ASP A 579 4.40 -22.05 -20.92
N ALA A 580 4.72 -21.70 -22.16
CA ALA A 580 5.43 -22.59 -23.08
C ALA A 580 6.83 -22.06 -23.39
N MET A 581 7.49 -21.49 -22.39
CA MET A 581 8.80 -20.89 -22.60
C MET A 581 9.59 -21.00 -21.29
N PRO A 582 10.76 -21.64 -21.29
CA PRO A 582 11.53 -21.77 -20.05
C PRO A 582 12.05 -20.44 -19.55
N GLU A 583 12.33 -20.40 -18.24
CA GLU A 583 12.70 -19.15 -17.58
C GLU A 583 14.05 -18.61 -18.03
N GLU A 584 14.90 -19.44 -18.65
CA GLU A 584 16.24 -19.00 -19.03
C GLU A 584 16.19 -17.88 -20.06
N GLU A 585 15.32 -18.01 -21.08
CA GLU A 585 15.17 -16.96 -22.07
C GLU A 585 14.12 -15.93 -21.66
N LEU A 586 13.14 -16.35 -20.84
CA LEU A 586 12.16 -15.40 -20.32
C LEU A 586 12.81 -14.36 -19.43
N ASP A 587 13.90 -14.72 -18.73
CA ASP A 587 14.63 -13.75 -17.93
C ASP A 587 15.25 -12.68 -18.82
N LYS A 588 15.79 -13.07 -19.98
CA LYS A 588 16.30 -12.09 -20.94
C LYS A 588 15.17 -11.24 -21.49
N LYS A 589 14.04 -11.85 -21.83
CA LYS A 589 12.94 -11.11 -22.43
C LYS A 589 12.12 -10.31 -21.43
N LEU A 590 12.28 -10.56 -20.13
CA LEU A 590 11.39 -9.97 -19.13
C LEU A 590 11.52 -8.46 -19.04
N GLU A 591 12.74 -7.94 -19.17
CA GLU A 591 12.97 -6.51 -18.96
C GLU A 591 12.41 -5.64 -20.07
N HIS A 592 11.94 -6.23 -21.18
CA HIS A 592 11.44 -5.45 -22.32
C HIS A 592 10.00 -5.82 -22.67
N ILE A 593 9.20 -6.27 -21.71
CA ILE A 593 7.82 -6.65 -21.98
C ILE A 593 6.93 -6.15 -20.85
N ALA A 594 5.77 -5.59 -21.19
CA ALA A 594 4.86 -5.04 -20.21
C ALA A 594 3.41 -5.48 -20.37
N VAL A 595 3.06 -6.17 -21.45
CA VAL A 595 1.69 -6.61 -21.71
C VAL A 595 1.65 -8.12 -21.73
N TYR A 596 0.82 -8.69 -20.86
CA TYR A 596 0.53 -10.12 -20.83
C TYR A 596 -0.95 -10.31 -21.13
N ALA A 597 -1.26 -11.10 -22.15
CA ALA A 597 -2.63 -11.38 -22.52
C ALA A 597 -2.92 -12.88 -22.38
N ARG A 598 -4.18 -13.18 -22.08
CA ARG A 598 -4.63 -14.55 -21.79
C ARG A 598 -3.80 -15.17 -20.68
N VAL A 599 -3.51 -14.37 -19.65
CA VAL A 599 -2.64 -14.80 -18.57
C VAL A 599 -3.41 -15.73 -17.61
N SER A 600 -2.66 -16.47 -16.82
CA SER A 600 -3.19 -17.40 -15.84
C SER A 600 -2.54 -17.14 -14.49
N PRO A 601 -3.20 -17.53 -13.40
CA PRO A 601 -2.56 -17.38 -12.08
C PRO A 601 -1.25 -18.14 -11.94
N GLU A 602 -1.11 -19.28 -12.60
CA GLU A 602 0.20 -19.93 -12.66
C GLU A 602 1.20 -19.06 -13.41
N ASN A 603 0.77 -18.44 -14.52
CA ASN A 603 1.62 -17.48 -15.20
C ASN A 603 1.84 -16.23 -14.35
N LYS A 604 0.88 -15.88 -13.49
CA LYS A 604 1.08 -14.78 -12.56
C LYS A 604 2.20 -15.11 -11.56
N ILE A 605 2.19 -16.34 -11.04
CA ILE A 605 3.29 -16.82 -10.20
C ILE A 605 4.60 -16.75 -10.97
N ARG A 606 4.58 -17.18 -12.23
CA ARG A 606 5.78 -17.19 -13.06
C ARG A 606 6.36 -15.80 -13.23
N ILE A 607 5.50 -14.81 -13.55
CA ILE A 607 6.00 -13.47 -13.83
C ILE A 607 6.44 -12.79 -12.54
N VAL A 608 5.73 -13.01 -11.42
CA VAL A 608 6.16 -12.35 -10.19
C VAL A 608 7.47 -12.95 -9.68
N LYS A 609 7.67 -14.27 -9.85
CA LYS A 609 8.94 -14.87 -9.46
C LYS A 609 10.07 -14.43 -10.38
N ALA A 610 9.81 -14.31 -11.68
CA ALA A 610 10.83 -13.85 -12.61
C ALA A 610 11.22 -12.41 -12.33
N TRP A 611 10.25 -11.55 -11.99
CA TRP A 611 10.56 -10.18 -11.64
C TRP A 611 11.30 -10.10 -10.31
N GLN A 612 10.95 -10.98 -9.36
CA GLN A 612 11.65 -11.01 -8.07
C GLN A 612 13.07 -11.55 -8.18
N LYS A 613 13.37 -12.37 -9.19
CA LYS A 613 14.67 -13.02 -9.26
C LYS A 613 15.80 -12.01 -9.44
N LYS A 614 15.61 -11.03 -10.31
CA LYS A 614 16.65 -10.03 -10.57
C LYS A 614 16.48 -8.79 -9.71
N GLY A 615 16.32 -8.98 -8.40
CA GLY A 615 15.91 -7.88 -7.55
C GLY A 615 14.51 -7.43 -7.92
N LYS A 616 14.34 -6.14 -8.22
CA LYS A 616 13.14 -5.60 -8.87
C LYS A 616 11.87 -5.93 -8.06
N ILE A 617 11.78 -5.28 -6.89
CA ILE A 617 10.68 -5.50 -5.97
C ILE A 617 9.34 -5.35 -6.67
N THR A 618 8.50 -6.38 -6.55
CA THR A 618 7.29 -6.53 -7.33
C THR A 618 6.06 -6.19 -6.49
N ALA A 619 4.99 -5.78 -7.17
CA ALA A 619 3.69 -5.51 -6.55
C ALA A 619 2.62 -6.11 -7.45
N MET A 620 2.15 -7.30 -7.09
CA MET A 620 1.12 -7.98 -7.86
C MET A 620 -0.22 -7.27 -7.70
N THR A 621 -1.20 -7.71 -8.49
CA THR A 621 -2.48 -7.00 -8.59
C THR A 621 -3.71 -7.89 -8.51
N GLY A 622 -3.54 -9.21 -8.45
CA GLY A 622 -4.66 -10.13 -8.58
C GLY A 622 -5.78 -9.94 -7.57
N ASP A 623 -7.00 -9.85 -8.08
CA ASP A 623 -8.18 -9.71 -7.24
C ASP A 623 -9.01 -10.98 -7.17
N GLY A 624 -8.76 -11.94 -8.06
CA GLY A 624 -9.51 -13.18 -8.05
C GLY A 624 -9.16 -14.07 -6.88
N VAL A 625 -9.96 -15.13 -6.74
CA VAL A 625 -9.81 -16.03 -5.61
C VAL A 625 -8.52 -16.83 -5.71
N ASN A 626 -8.25 -17.39 -6.88
CA ASN A 626 -7.07 -18.23 -7.09
C ASN A 626 -5.83 -17.43 -7.47
N ASP A 627 -5.92 -16.09 -7.47
CA ASP A 627 -4.75 -15.24 -7.59
C ASP A 627 -3.98 -15.14 -6.28
N ALA A 628 -4.52 -15.68 -5.19
CA ALA A 628 -3.88 -15.58 -3.87
C ALA A 628 -2.46 -16.13 -3.81
N PRO A 629 -2.10 -17.27 -4.44
CA PRO A 629 -0.67 -17.65 -4.47
C PRO A 629 0.21 -16.61 -5.12
N ALA A 630 -0.27 -15.93 -6.17
CA ALA A 630 0.52 -14.87 -6.78
C ALA A 630 0.66 -13.67 -5.85
N LEU A 631 -0.33 -13.42 -5.01
CA LEU A 631 -0.26 -12.32 -4.06
C LEU A 631 0.70 -12.66 -2.91
N LYS A 632 0.70 -13.91 -2.46
CA LYS A 632 1.57 -14.31 -1.36
C LYS A 632 3.04 -14.23 -1.76
N GLN A 633 3.39 -14.76 -2.94
CA GLN A 633 4.77 -14.73 -3.39
C GLN A 633 5.23 -13.33 -3.77
N ALA A 634 4.30 -12.42 -4.04
CA ALA A 634 4.66 -11.04 -4.32
C ALA A 634 5.16 -10.37 -3.05
N ASP A 635 6.18 -9.51 -3.21
CA ASP A 635 6.70 -8.78 -2.06
C ASP A 635 5.65 -7.81 -1.52
N ILE A 636 5.08 -6.98 -2.39
CA ILE A 636 4.08 -5.99 -2.01
C ILE A 636 2.81 -6.12 -2.84
N GLY A 637 2.37 -7.34 -3.15
CA GLY A 637 1.16 -7.55 -3.91
C GLY A 637 -0.05 -6.87 -3.32
N VAL A 638 -0.79 -6.14 -4.15
CA VAL A 638 -1.96 -5.39 -3.72
C VAL A 638 -3.20 -6.01 -4.34
N ALA A 639 -4.20 -6.26 -3.51
CA ALA A 639 -5.51 -6.72 -3.99
C ALA A 639 -6.47 -5.56 -4.10
N MET A 640 -7.39 -5.67 -5.04
CA MET A 640 -8.37 -4.62 -5.28
C MET A 640 -9.44 -4.62 -4.20
N GLY A 641 -9.90 -3.42 -3.84
CA GLY A 641 -11.00 -3.31 -2.89
C GLY A 641 -12.29 -3.92 -3.41
N SER A 642 -12.53 -3.80 -4.71
CA SER A 642 -13.65 -4.48 -5.35
C SER A 642 -13.42 -5.97 -5.53
N GLY A 643 -12.20 -6.44 -5.32
CA GLY A 643 -11.88 -7.84 -5.46
C GLY A 643 -12.31 -8.65 -4.25
N THR A 644 -11.96 -9.94 -4.29
CA THR A 644 -12.34 -10.86 -3.23
C THR A 644 -11.53 -10.60 -1.96
N ASP A 645 -12.10 -11.02 -0.83
CA ASP A 645 -11.45 -10.79 0.46
C ASP A 645 -10.26 -11.70 0.66
N VAL A 646 -10.27 -12.88 0.04
CA VAL A 646 -9.14 -13.81 0.20
C VAL A 646 -7.90 -13.26 -0.49
N ALA A 647 -8.06 -12.52 -1.59
CA ALA A 647 -6.93 -11.86 -2.20
C ALA A 647 -6.37 -10.77 -1.29
N LYS A 648 -7.26 -10.03 -0.61
CA LYS A 648 -6.82 -9.03 0.35
C LYS A 648 -6.07 -9.66 1.51
N ASP A 649 -6.51 -10.84 1.96
CA ASP A 649 -5.77 -11.58 2.96
C ASP A 649 -4.39 -11.97 2.44
N SER A 650 -4.32 -12.40 1.18
CA SER A 650 -3.03 -12.72 0.56
C SER A 650 -2.24 -11.49 0.17
N ALA A 651 -2.82 -10.29 0.23
CA ALA A 651 -2.16 -9.07 -0.20
C ALA A 651 -1.56 -8.33 0.99
N ALA A 652 -0.46 -7.63 0.72
CA ALA A 652 0.15 -6.75 1.71
C ALA A 652 -0.60 -5.44 1.87
N MET A 653 -1.37 -5.02 0.87
CA MET A 653 -2.04 -3.74 0.89
C MET A 653 -3.23 -3.78 -0.06
N ILE A 654 -4.16 -2.85 0.13
CA ILE A 654 -5.42 -2.80 -0.62
C ILE A 654 -5.65 -1.38 -1.12
N LEU A 655 -6.17 -1.25 -2.34
CA LEU A 655 -6.68 0.02 -2.84
C LEU A 655 -8.20 0.02 -2.75
N THR A 656 -8.76 1.00 -2.05
CA THR A 656 -10.22 1.11 -1.97
C THR A 656 -10.81 1.61 -3.29
N ASP A 657 -10.19 2.63 -3.89
CA ASP A 657 -10.71 3.17 -5.13
C ASP A 657 -10.30 2.36 -6.35
N ASP A 658 -9.44 1.36 -6.18
CA ASP A 658 -9.16 0.30 -7.15
C ASP A 658 -8.34 0.82 -8.34
N ASN A 659 -8.11 2.14 -8.40
CA ASN A 659 -7.44 2.73 -9.54
C ASN A 659 -5.93 2.47 -9.49
N PHE A 660 -5.31 2.45 -10.68
CA PHE A 660 -3.87 2.28 -10.77
C PHE A 660 -3.13 3.51 -10.25
N VAL A 661 -3.75 4.69 -10.34
CA VAL A 661 -3.13 5.91 -9.83
C VAL A 661 -2.90 5.81 -8.33
N SER A 662 -3.73 5.01 -7.64
CA SER A 662 -3.49 4.77 -6.23
C SER A 662 -2.19 4.01 -5.99
N ILE A 663 -1.79 3.14 -6.91
CA ILE A 663 -0.53 2.42 -6.76
C ILE A 663 0.65 3.37 -6.89
N VAL A 664 0.62 4.27 -7.87
CA VAL A 664 1.72 5.21 -8.07
C VAL A 664 1.76 6.21 -6.92
N ASP A 665 0.60 6.65 -6.44
CA ASP A 665 0.57 7.51 -5.26
C ASP A 665 1.08 6.78 -4.04
N ALA A 666 0.81 5.48 -3.96
CA ALA A 666 1.28 4.67 -2.84
C ALA A 666 2.79 4.54 -2.83
N VAL A 667 3.39 4.27 -3.99
CA VAL A 667 4.84 4.15 -4.04
C VAL A 667 5.51 5.50 -3.88
N GLY A 668 4.84 6.59 -4.29
CA GLY A 668 5.35 7.91 -4.00
C GLY A 668 5.33 8.23 -2.51
N VAL A 669 4.26 7.81 -1.81
CA VAL A 669 4.20 8.00 -0.37
C VAL A 669 5.27 7.16 0.33
N GLY A 670 5.52 5.94 -0.17
CA GLY A 670 6.59 5.13 0.39
C GLY A 670 7.96 5.75 0.19
N ARG A 671 8.21 6.30 -1.00
CA ARG A 671 9.45 7.02 -1.24
C ARG A 671 9.57 8.24 -0.32
N THR A 672 8.47 8.95 -0.12
CA THR A 672 8.47 10.12 0.77
C THR A 672 8.77 9.70 2.21
N VAL A 673 8.22 8.56 2.64
CA VAL A 673 8.47 8.06 3.99
C VAL A 673 9.93 7.67 4.17
N PHE A 674 10.51 6.98 3.19
CA PHE A 674 11.91 6.61 3.31
C PHE A 674 12.83 7.83 3.21
N ASP A 675 12.45 8.82 2.40
CA ASP A 675 13.20 10.07 2.38
C ASP A 675 13.08 10.82 3.69
N ASN A 676 11.94 10.70 4.38
CA ASN A 676 11.80 11.30 5.70
C ASN A 676 12.70 10.60 6.71
N ILE A 677 12.80 9.26 6.63
CA ILE A 677 13.80 8.53 7.40
C ILE A 677 15.19 9.08 7.15
N LYS A 678 15.56 9.21 5.87
CA LYS A 678 16.90 9.65 5.52
C LYS A 678 17.17 11.06 6.03
N LYS A 679 16.22 11.97 5.84
CA LYS A 679 16.41 13.36 6.24
C LYS A 679 16.43 13.52 7.75
N SER A 680 15.55 12.80 8.47
CA SER A 680 15.50 12.94 9.92
C SER A 680 16.74 12.34 10.57
N ILE A 681 17.16 11.15 10.12
CA ILE A 681 18.39 10.56 10.64
C ILE A 681 19.59 11.42 10.26
N ALA A 682 19.55 12.03 9.07
CA ALA A 682 20.62 12.93 8.66
C ALA A 682 20.71 14.13 9.58
N TYR A 683 19.57 14.73 9.92
CA TYR A 683 19.56 15.88 10.82
C TYR A 683 20.08 15.50 12.20
N LEU A 684 19.59 14.38 12.75
CA LEU A 684 19.99 13.97 14.08
C LEU A 684 21.47 13.62 14.15
N PHE A 685 21.93 12.75 13.25
CA PHE A 685 23.33 12.35 13.25
C PHE A 685 24.25 13.50 12.89
N ALA A 686 23.81 14.42 12.04
CA ALA A 686 24.64 15.56 11.67
C ALA A 686 24.81 16.52 12.85
N GLY A 687 23.72 16.82 13.57
CA GLY A 687 23.85 17.65 14.75
C GLY A 687 24.69 17.00 15.83
N ASN A 688 24.47 15.70 16.06
CA ASN A 688 25.24 14.99 17.07
C ASN A 688 26.72 14.94 16.68
N LEU A 689 27.02 14.75 15.40
CA LEU A 689 28.40 14.74 14.94
C LEU A 689 29.02 16.12 15.02
N GLY A 690 28.24 17.18 14.78
CA GLY A 690 28.77 18.52 14.96
C GLY A 690 29.16 18.79 16.40
N ALA A 691 28.29 18.39 17.34
CA ALA A 691 28.63 18.50 18.75
C ALA A 691 29.86 17.65 19.10
N ILE A 692 29.93 16.45 18.53
CA ILE A 692 31.03 15.53 18.82
C ILE A 692 32.36 16.12 18.35
N ILE A 693 32.40 16.64 17.12
CA ILE A 693 33.64 17.20 16.61
C ILE A 693 33.98 18.50 17.30
N ALA A 694 32.98 19.26 17.78
CA ALA A 694 33.27 20.44 18.59
C ALA A 694 33.97 20.05 19.88
N ILE A 695 33.42 19.04 20.57
CA ILE A 695 34.04 18.58 21.82
C ILE A 695 35.42 18.01 21.56
N LEU A 696 35.60 17.26 20.47
CA LEU A 696 36.90 16.66 20.17
C LEU A 696 37.93 17.71 19.77
N PHE A 697 37.50 18.77 19.08
CA PHE A 697 38.43 19.83 18.72
C PHE A 697 38.81 20.65 19.94
N ALA A 698 37.89 20.85 20.88
CA ALA A 698 38.28 21.41 22.17
C ALA A 698 39.22 20.49 22.92
N LEU A 699 39.06 19.18 22.75
CA LEU A 699 39.93 18.22 23.43
C LEU A 699 41.35 18.25 22.89
N VAL A 700 41.50 18.31 21.57
CA VAL A 700 42.83 18.20 20.97
C VAL A 700 43.65 19.47 21.22
N LEU A 701 43.01 20.63 21.30
CA LEU A 701 43.71 21.89 21.44
C LEU A 701 43.88 22.33 22.89
N ASP A 702 43.71 21.41 23.84
CA ASP A 702 43.85 21.69 25.28
C ASP A 702 42.92 22.83 25.71
N TRP A 703 41.65 22.69 25.38
CA TRP A 703 40.65 23.72 25.61
C TRP A 703 39.60 23.23 26.59
N ILE A 704 38.93 24.19 27.23
CA ILE A 704 37.75 23.87 28.01
C ILE A 704 36.68 23.34 27.07
N ASN A 705 36.02 22.26 27.47
CA ASN A 705 35.04 21.61 26.60
C ASN A 705 33.88 22.56 26.32
N PRO A 706 33.37 22.57 25.07
CA PRO A 706 32.41 23.62 24.69
C PRO A 706 31.11 23.60 25.47
N PHE A 707 30.67 22.41 25.87
CA PHE A 707 29.36 22.32 26.56
C PHE A 707 29.48 21.52 27.86
N THR A 708 28.92 22.04 28.95
CA THR A 708 28.87 21.32 30.21
C THR A 708 27.88 20.16 30.08
N ALA A 709 27.69 19.42 31.19
CA ALA A 709 26.75 18.31 31.17
C ALA A 709 25.32 18.80 30.92
N LEU A 710 24.89 19.80 31.68
CA LEU A 710 23.52 20.28 31.54
C LEU A 710 23.28 20.94 30.20
N GLN A 711 24.28 21.62 29.63
CA GLN A 711 24.13 22.22 28.31
C GLN A 711 23.93 21.15 27.25
N LEU A 712 24.73 20.09 27.29
CA LEU A 712 24.58 19.01 26.31
C LEU A 712 23.26 18.28 26.49
N LEU A 713 22.83 18.06 27.73
CA LEU A 713 21.54 17.43 27.97
C LEU A 713 20.39 18.33 27.52
N PHE A 714 20.52 19.65 27.67
CA PHE A 714 19.47 20.54 27.18
C PHE A 714 19.45 20.60 25.65
N ILE A 715 20.62 20.49 25.01
CA ILE A 715 20.65 20.38 23.56
C ILE A 715 19.97 19.11 23.11
N ASN A 716 20.20 18.02 23.84
CA ASN A 716 19.57 16.71 23.49
C ASN A 716 18.08 16.78 23.81
N LEU A 717 17.69 17.66 24.74
CA LEU A 717 16.27 17.86 25.01
C LEU A 717 15.62 18.66 23.89
N VAL A 718 16.31 19.69 23.41
CA VAL A 718 15.74 20.59 22.40
C VAL A 718 15.64 19.88 21.05
N ASN A 719 16.74 19.29 20.60
CA ASN A 719 16.74 18.46 19.40
C ASN A 719 16.54 17.00 19.84
N ASP A 720 16.75 16.05 18.91
CA ASP A 720 16.52 14.62 19.13
C ASP A 720 15.10 14.40 19.63
N SER A 721 14.17 15.18 19.10
CA SER A 721 12.85 15.38 19.69
C SER A 721 11.89 15.90 18.62
N LEU A 722 10.82 16.55 19.08
CA LEU A 722 9.78 17.21 18.27
C LEU A 722 10.29 17.90 17.00
N PRO A 723 11.42 18.63 17.00
CA PRO A 723 11.94 19.10 15.70
C PRO A 723 12.33 17.99 14.75
N ALA A 724 12.96 16.92 15.24
CA ALA A 724 13.27 15.78 14.38
C ALA A 724 11.99 15.07 13.92
N ILE A 725 10.98 15.00 14.80
CA ILE A 725 9.69 14.43 14.42
C ILE A 725 9.06 15.26 13.30
N ALA A 726 9.10 16.58 13.43
CA ALA A 726 8.56 17.46 12.41
C ALA A 726 9.34 17.36 11.10
N LEU A 727 10.66 17.19 11.18
CA LEU A 727 11.44 16.98 9.97
C LEU A 727 11.12 15.65 9.32
N GLY A 728 10.74 14.65 10.12
CA GLY A 728 10.18 13.42 9.59
C GLY A 728 8.75 13.56 9.09
N MET A 729 8.08 14.66 9.44
CA MET A 729 6.76 14.98 8.90
C MET A 729 6.83 15.80 7.62
N GLU A 730 8.01 15.90 7.01
CA GLU A 730 8.20 16.72 5.82
C GLU A 730 7.44 16.15 4.63
N LYS A 731 6.83 17.03 3.83
CA LYS A 731 6.03 16.64 2.69
C LYS A 731 6.93 16.16 1.55
N ALA A 732 6.32 15.90 0.39
CA ALA A 732 7.05 15.35 -0.74
C ALA A 732 7.82 16.46 -1.45
N GLU A 733 9.13 16.28 -1.58
CA GLU A 733 9.93 17.18 -2.40
C GLU A 733 9.60 16.97 -3.88
N PRO A 734 9.80 18.00 -4.71
CA PRO A 734 9.34 17.91 -6.12
C PRO A 734 10.06 16.87 -6.99
N ASP A 735 10.97 16.06 -6.45
CA ASP A 735 11.73 15.13 -7.26
C ASP A 735 11.60 13.68 -6.78
N VAL A 736 10.61 13.39 -5.93
CA VAL A 736 10.44 12.03 -5.42
C VAL A 736 10.10 11.06 -6.55
N MET A 737 9.35 11.51 -7.55
CA MET A 737 9.03 10.70 -8.71
C MET A 737 10.01 10.90 -9.85
N LYS A 738 11.13 11.57 -9.60
CA LYS A 738 12.15 11.81 -10.62
C LYS A 738 13.44 11.03 -10.36
N ARG A 739 13.45 10.17 -9.34
CA ARG A 739 14.63 9.40 -8.99
C ARG A 739 14.43 7.92 -9.27
N LYS A 740 15.54 7.20 -9.39
CA LYS A 740 15.51 5.76 -9.48
C LYS A 740 15.01 5.16 -8.16
N PRO A 741 14.38 3.98 -8.19
CA PRO A 741 13.90 3.38 -6.94
C PRO A 741 15.04 2.98 -6.02
N ARG A 742 14.72 2.96 -4.73
CA ARG A 742 15.67 2.51 -3.72
C ARG A 742 15.99 1.03 -3.92
N ASP A 743 17.20 0.64 -3.53
CA ASP A 743 17.61 -0.76 -3.60
C ASP A 743 16.77 -1.61 -2.63
N ILE A 744 16.89 -2.93 -2.80
CA ILE A 744 16.10 -3.84 -1.96
C ILE A 744 16.53 -3.73 -0.50
N ASN A 745 17.84 -3.61 -0.26
CA ASN A 745 18.32 -3.33 1.09
C ASN A 745 17.91 -1.92 1.52
N GLU A 746 17.95 -1.70 2.84
CA GLU A 746 17.49 -0.43 3.39
C GLU A 746 18.36 0.73 2.91
N GLY A 747 19.68 0.60 3.07
CA GLY A 747 20.61 1.60 2.59
C GLY A 747 20.43 2.96 3.22
N ILE A 748 20.29 3.00 4.56
CA ILE A 748 20.10 4.26 5.27
C ILE A 748 21.33 5.16 5.09
N PHE A 749 22.52 4.58 5.21
CA PHE A 749 23.77 5.32 5.03
C PHE A 749 24.17 5.35 3.56
N ALA A 750 23.30 5.95 2.75
CA ALA A 750 23.59 6.12 1.33
C ALA A 750 24.73 7.11 1.14
N GLY A 751 25.47 6.94 0.03
CA GLY A 751 26.66 7.76 -0.19
C GLY A 751 26.34 9.24 -0.31
N GLY A 752 25.28 9.59 -1.03
CA GLY A 752 24.87 10.98 -1.11
C GLY A 752 24.41 11.52 0.23
N THR A 753 23.59 10.74 0.95
CA THR A 753 23.15 11.20 2.26
C THR A 753 24.27 11.13 3.28
N MET A 754 25.28 10.27 3.09
CA MET A 754 26.44 10.29 3.98
C MET A 754 27.28 11.53 3.74
N ARG A 755 27.43 11.94 2.47
CA ARG A 755 28.09 13.20 2.17
C ARG A 755 27.33 14.38 2.77
N ALA A 756 26.00 14.35 2.67
CA ALA A 756 25.19 15.40 3.28
C ALA A 756 25.36 15.43 4.80
N VAL A 757 25.39 14.25 5.43
CA VAL A 757 25.56 14.16 6.88
C VAL A 757 26.91 14.72 7.30
N ILE A 758 27.98 14.31 6.60
CA ILE A 758 29.31 14.73 7.01
C ILE A 758 29.52 16.22 6.76
N SER A 759 28.97 16.75 5.65
CA SER A 759 29.08 18.19 5.41
C SER A 759 28.28 18.99 6.42
N ARG A 760 27.04 18.56 6.69
CA ARG A 760 26.18 19.20 7.67
C ARG A 760 26.86 19.24 9.04
N GLY A 761 27.33 18.09 9.52
CA GLY A 761 27.94 18.01 10.82
C GLY A 761 29.26 18.75 10.91
N VAL A 762 30.09 18.64 9.87
CA VAL A 762 31.38 19.32 9.88
C VAL A 762 31.18 20.84 9.89
N LEU A 763 30.20 21.31 9.11
CA LEU A 763 29.93 22.76 9.04
C LEU A 763 29.45 23.24 10.42
N ILE A 764 28.43 22.60 10.95
CA ILE A 764 27.87 23.07 12.23
C ILE A 764 28.92 22.97 13.34
N GLY A 765 29.76 21.93 13.32
CA GLY A 765 30.86 21.87 14.26
C GLY A 765 31.87 22.96 14.04
N ILE A 766 32.09 23.35 12.78
CA ILE A 766 32.98 24.48 12.48
C ILE A 766 32.42 25.77 13.07
N ALA A 767 31.10 25.96 12.97
CA ALA A 767 30.47 27.12 13.59
C ALA A 767 30.68 27.11 15.10
N VAL A 768 30.50 25.95 15.74
CA VAL A 768 30.67 25.87 17.19
C VAL A 768 32.14 26.08 17.57
N ILE A 769 33.06 25.58 16.76
CA ILE A 769 34.49 25.74 17.04
C ILE A 769 34.87 27.22 16.94
N ILE A 770 34.37 27.90 15.92
CA ILE A 770 34.66 29.32 15.76
C ILE A 770 34.07 30.13 16.91
N SER A 771 32.85 29.77 17.34
CA SER A 771 32.25 30.45 18.49
C SER A 771 33.06 30.20 19.76
N GLN A 772 33.56 28.98 19.95
CA GLN A 772 34.40 28.68 21.09
C GLN A 772 35.71 29.47 21.05
N TYR A 773 36.30 29.61 19.86
CA TYR A 773 37.54 30.37 19.73
C TYR A 773 37.31 31.85 20.01
N ILE A 774 36.18 32.39 19.55
CA ILE A 774 35.87 33.78 19.83
C ILE A 774 35.61 33.99 21.32
N GLY A 775 34.92 33.05 21.96
CA GLY A 775 34.72 33.12 23.39
C GLY A 775 36.01 32.98 24.18
N MET A 776 36.99 32.26 23.63
CA MET A 776 38.29 32.13 24.28
C MET A 776 38.99 33.48 24.38
N GLN A 777 38.70 34.40 23.46
CA GLN A 777 39.26 35.74 23.52
C GLN A 777 38.74 36.53 24.72
N ILE A 778 37.63 36.10 25.33
CA ILE A 778 37.08 36.79 26.48
C ILE A 778 37.39 36.00 27.75
N SER A 779 36.85 34.78 27.86
CA SER A 779 36.99 33.94 29.04
C SER A 779 36.51 32.52 28.74
N PRO A 780 37.00 31.50 29.46
CA PRO A 780 36.50 30.14 29.24
C PRO A 780 35.01 29.97 29.50
N GLU A 781 34.48 30.68 30.49
CA GLU A 781 33.04 30.65 30.74
C GLU A 781 32.26 31.25 29.57
N MET A 782 32.75 32.37 29.04
CA MET A 782 32.15 32.96 27.85
C MET A 782 32.25 32.02 26.66
N SER A 783 33.38 31.31 26.54
CA SER A 783 33.54 30.33 25.47
C SER A 783 32.52 29.21 25.59
N VAL A 784 32.30 28.70 26.80
CA VAL A 784 31.33 27.63 27.01
C VAL A 784 29.93 28.11 26.67
N ALA A 785 29.56 29.30 27.16
CA ALA A 785 28.23 29.83 26.92
C ALA A 785 27.99 30.08 25.43
N MET A 786 28.96 30.70 24.76
CA MET A 786 28.80 31.02 23.35
C MET A 786 28.77 29.77 22.49
N ALA A 787 29.59 28.76 22.83
CA ALA A 787 29.55 27.51 22.09
C ALA A 787 28.21 26.81 22.26
N PHE A 788 27.66 26.82 23.48
CA PHE A 788 26.36 26.20 23.71
C PHE A 788 25.26 26.88 22.92
N THR A 789 25.20 28.22 22.98
CA THR A 789 24.13 28.90 22.27
C THR A 789 24.31 28.81 20.76
N THR A 790 25.56 28.82 20.29
CA THR A 790 25.81 28.64 18.86
C THR A 790 25.34 27.26 18.39
N LEU A 791 25.63 26.22 19.17
CA LEU A 791 25.21 24.88 18.77
C LEU A 791 23.70 24.75 18.76
N ILE A 792 23.03 25.24 19.80
CA ILE A 792 21.58 25.04 19.86
C ILE A 792 20.87 25.88 18.81
N LEU A 793 21.32 27.12 18.58
CA LEU A 793 20.72 27.94 17.54
C LEU A 793 20.99 27.37 16.16
N ALA A 794 22.19 26.84 15.94
CA ALA A 794 22.50 26.24 14.64
C ALA A 794 21.70 24.96 14.42
N ARG A 795 21.42 24.20 15.48
CA ARG A 795 20.54 23.04 15.34
C ARG A 795 19.13 23.46 14.95
N THR A 796 18.58 24.45 15.67
CA THR A 796 17.20 24.88 15.42
C THR A 796 17.06 25.49 14.03
N LEU A 797 18.09 26.20 13.55
CA LEU A 797 18.02 26.81 12.23
C LEU A 797 18.47 25.87 11.12
N GLN A 798 19.22 24.82 11.44
CA GLN A 798 19.57 23.79 10.47
C GLN A 798 18.44 22.81 10.26
N THR A 799 17.48 22.78 11.19
CA THR A 799 16.20 22.11 10.92
C THR A 799 15.55 22.68 9.65
N PHE A 800 15.70 24.00 9.42
CA PHE A 800 15.24 24.60 8.18
C PHE A 800 15.98 24.02 6.96
N ALA A 801 17.32 24.02 7.02
CA ALA A 801 18.11 23.66 5.84
C ALA A 801 18.09 22.17 5.55
N ALA A 802 17.74 21.34 6.54
CA ALA A 802 17.67 19.90 6.36
C ALA A 802 16.26 19.44 6.00
N ARG A 803 15.43 20.33 5.45
CA ARG A 803 14.08 19.93 5.06
C ARG A 803 14.10 19.04 3.82
N SER A 804 15.09 19.21 2.95
CA SER A 804 15.29 18.34 1.81
C SER A 804 16.73 18.47 1.34
N ASN A 805 17.16 17.49 0.57
CA ASN A 805 18.47 17.53 -0.06
C ASN A 805 18.42 18.17 -1.44
N VAL A 806 17.25 18.66 -1.86
CA VAL A 806 17.07 19.25 -3.17
C VAL A 806 16.60 20.70 -3.09
N GLN A 807 15.61 20.98 -2.24
CA GLN A 807 15.01 22.30 -2.13
C GLN A 807 15.50 22.98 -0.85
N THR A 808 15.75 24.28 -0.94
CA THR A 808 16.18 25.04 0.22
C THR A 808 14.97 25.37 1.10
N ALA A 809 15.25 26.01 2.24
CA ALA A 809 14.18 26.44 3.12
C ALA A 809 13.31 27.51 2.46
N PHE A 810 13.94 28.45 1.76
CA PHE A 810 13.19 29.47 1.03
C PHE A 810 12.60 28.89 -0.25
N GLY A 811 13.33 27.99 -0.92
CA GLY A 811 12.82 27.43 -2.17
C GLY A 811 11.59 26.58 -1.98
N ALA A 812 11.55 25.77 -0.93
CA ALA A 812 10.37 24.97 -0.63
C ALA A 812 9.29 25.77 0.10
N GLY A 813 9.62 26.94 0.63
CA GLY A 813 8.67 27.73 1.38
C GLY A 813 8.68 27.38 2.85
N PHE A 814 8.89 28.38 3.71
CA PHE A 814 8.98 28.13 5.15
C PHE A 814 7.65 27.63 5.72
N PHE A 815 6.54 28.24 5.31
CA PHE A 815 5.24 27.85 5.81
C PHE A 815 4.68 26.62 5.13
N SER A 816 5.32 26.13 4.07
CA SER A 816 4.86 24.92 3.40
C SER A 816 5.05 23.68 4.27
N ASN A 817 5.96 23.73 5.23
CA ASN A 817 6.15 22.66 6.21
C ASN A 817 5.76 23.24 7.56
N LYS A 818 4.47 23.12 7.89
CA LYS A 818 3.94 23.73 9.12
C LYS A 818 4.56 23.10 10.35
N TYR A 819 4.79 21.78 10.32
CA TYR A 819 5.39 21.09 11.45
C TYR A 819 6.79 21.62 11.73
N VAL A 820 7.57 21.85 10.67
CA VAL A 820 8.96 22.27 10.85
C VAL A 820 9.03 23.67 11.48
N ILE A 821 8.25 24.62 10.97
CA ILE A 821 8.29 25.97 11.49
C ILE A 821 7.71 26.02 12.91
N GLY A 822 6.64 25.26 13.17
CA GLY A 822 6.10 25.21 14.51
C GLY A 822 7.07 24.63 15.52
N ALA A 823 7.75 23.54 15.14
CA ALA A 823 8.75 22.95 16.02
C ALA A 823 9.94 23.87 16.21
N VAL A 824 10.35 24.59 15.16
CA VAL A 824 11.47 25.51 15.27
C VAL A 824 11.14 26.63 16.24
N LEU A 825 9.91 27.16 16.16
CA LEU A 825 9.47 28.16 17.13
C LEU A 825 9.41 27.58 18.53
N LEU A 826 9.02 26.30 18.65
CA LEU A 826 8.98 25.65 19.96
C LEU A 826 10.37 25.56 20.59
N CYS A 827 11.36 25.11 19.81
CA CYS A 827 12.72 25.05 20.36
C CYS A 827 13.32 26.43 20.57
N PHE A 828 12.94 27.42 19.78
CA PHE A 828 13.40 28.78 20.04
C PHE A 828 12.86 29.29 21.37
N VAL A 829 11.58 29.03 21.64
CA VAL A 829 10.99 29.41 22.93
C VAL A 829 11.66 28.66 24.07
N LEU A 830 11.90 27.35 23.87
CA LEU A 830 12.54 26.54 24.91
C LEU A 830 13.96 27.00 25.19
N TYR A 831 14.71 27.38 24.14
CA TYR A 831 16.03 27.96 24.32
C TYR A 831 15.96 29.33 24.97
N GLY A 832 14.81 30.02 24.83
CA GLY A 832 14.56 31.27 25.53
C GLY A 832 14.57 31.16 27.04
N ILE A 833 14.71 29.95 27.59
CA ILE A 833 15.02 29.79 29.00
C ILE A 833 16.41 30.37 29.31
N THR A 834 17.32 30.28 28.35
CA THR A 834 18.71 30.70 28.58
C THR A 834 18.82 32.20 28.85
N VAL A 835 18.03 33.02 28.15
CA VAL A 835 18.13 34.46 28.33
C VAL A 835 17.59 34.88 29.70
N LEU A 836 16.74 34.07 30.32
CA LEU A 836 16.23 34.38 31.64
C LEU A 836 17.36 34.29 32.67
N PRO A 837 17.55 35.31 33.50
CA PRO A 837 18.67 35.28 34.46
C PRO A 837 18.55 34.18 35.50
N GLY A 838 17.35 33.67 35.76
CA GLY A 838 17.18 32.64 36.77
C GLY A 838 17.71 31.28 36.36
N ALA A 839 17.99 31.09 35.07
CA ALA A 839 18.51 29.82 34.57
C ALA A 839 19.91 29.95 33.99
N ARG A 840 20.55 31.11 34.11
CA ARG A 840 21.89 31.27 33.55
C ARG A 840 22.94 30.58 34.41
N GLU A 841 22.68 30.42 35.71
CA GLU A 841 23.67 29.79 36.57
C GLU A 841 23.80 28.30 36.29
N ILE A 842 22.67 27.61 36.09
CA ILE A 842 22.71 26.18 35.81
C ILE A 842 23.18 25.89 34.39
N PHE A 843 23.06 26.87 33.49
CA PHE A 843 23.45 26.69 32.10
C PHE A 843 24.84 27.23 31.81
N SER A 844 25.58 27.64 32.85
CA SER A 844 26.94 28.19 32.72
C SER A 844 26.97 29.42 31.81
N ILE A 845 25.93 30.24 31.91
CA ILE A 845 25.88 31.53 31.22
C ILE A 845 26.29 32.61 32.24
N PRO A 846 27.45 33.24 32.08
CA PRO A 846 27.90 34.21 33.08
C PRO A 846 27.51 35.64 32.74
N ALA A 847 27.32 36.42 33.81
CA ALA A 847 27.06 37.87 33.77
C ALA A 847 25.78 38.13 32.96
N SER A 848 25.71 39.30 32.33
CA SER A 848 24.57 39.67 31.50
C SER A 848 25.08 40.22 30.17
N PHE A 849 24.30 40.02 29.12
CA PHE A 849 24.70 40.40 27.77
C PHE A 849 24.22 41.81 27.46
N GLY A 850 25.12 42.61 26.88
CA GLY A 850 24.65 43.82 26.24
C GLY A 850 24.07 43.49 24.89
N LEU A 851 24.93 43.13 23.93
CA LEU A 851 24.48 42.57 22.66
C LEU A 851 25.30 41.34 22.27
N HIS A 852 26.60 41.36 22.57
CA HIS A 852 27.58 40.54 21.87
C HIS A 852 27.72 39.13 22.41
N GLU A 853 27.16 38.80 23.57
CA GLU A 853 27.14 37.41 23.98
C GLU A 853 26.11 36.59 23.20
N TRP A 854 25.26 37.25 22.42
CA TRP A 854 24.24 36.62 21.59
C TRP A 854 24.43 36.92 20.11
N SER A 855 24.88 38.14 19.77
CA SER A 855 24.95 38.55 18.37
C SER A 855 25.99 37.76 17.60
N ILE A 856 27.14 37.47 18.21
CA ILE A 856 28.17 36.69 17.54
C ILE A 856 27.67 35.28 17.27
N ALA A 857 27.01 34.67 18.25
CA ALA A 857 26.45 33.33 18.07
C ALA A 857 25.38 33.31 17.00
N ALA A 858 24.50 34.31 17.00
CA ALA A 858 23.44 34.37 15.99
C ALA A 858 24.00 34.58 14.60
N GLY A 859 25.01 35.45 14.47
CA GLY A 859 25.64 35.65 13.18
C GLY A 859 26.36 34.41 12.68
N LEU A 860 27.05 33.71 13.57
CA LEU A 860 27.71 32.46 13.18
C LEU A 860 26.70 31.40 12.77
N ALA A 861 25.59 31.27 13.51
CA ALA A 861 24.56 30.30 13.15
C ALA A 861 23.91 30.65 11.80
N LEU A 862 23.61 31.93 11.59
CA LEU A 862 23.02 32.36 10.32
C LEU A 862 23.98 32.14 9.15
N ALA A 863 25.26 32.46 9.35
CA ALA A 863 26.26 32.18 8.32
C ALA A 863 26.39 30.69 8.07
N ALA A 864 26.28 29.87 9.11
CA ALA A 864 26.34 28.43 8.95
C ALA A 864 25.20 27.93 8.09
N VAL A 865 23.96 28.36 8.39
CA VAL A 865 22.84 27.83 7.63
C VAL A 865 22.83 28.40 6.22
N VAL A 866 23.29 29.64 6.03
CA VAL A 866 23.32 30.18 4.67
C VAL A 866 24.41 29.49 3.85
N MET A 867 25.55 29.16 4.46
CA MET A 867 26.58 28.36 3.80
C MET A 867 26.03 26.99 3.43
N MET A 868 25.26 26.40 4.36
CA MET A 868 24.67 25.10 4.16
C MET A 868 23.70 25.12 2.98
N GLU A 869 22.92 26.20 2.89
CA GLU A 869 21.96 26.35 1.80
C GLU A 869 22.65 26.57 0.46
N ILE A 870 23.74 27.37 0.42
CA ILE A 870 24.36 27.54 -0.89
C ILE A 870 25.12 26.27 -1.29
N ILE A 871 25.54 25.48 -0.30
CA ILE A 871 26.08 24.15 -0.60
C ILE A 871 25.00 23.29 -1.26
N LYS A 872 23.77 23.37 -0.73
CA LYS A 872 22.65 22.65 -1.35
C LYS A 872 22.37 23.14 -2.76
N VAL A 873 22.41 24.46 -2.98
CA VAL A 873 22.16 25.01 -4.31
C VAL A 873 23.28 24.61 -5.28
N VAL A 874 24.53 24.61 -4.80
CA VAL A 874 25.65 24.17 -5.63
C VAL A 874 25.49 22.71 -6.02
N GLN A 875 25.06 21.87 -5.08
CA GLN A 875 24.72 20.49 -5.41
C GLN A 875 23.55 20.41 -6.39
N ASN A 876 22.65 21.39 -6.36
CA ASN A 876 21.59 21.47 -7.36
C ASN A 876 22.10 22.01 -8.69
N LYS A 877 23.05 22.95 -8.66
CA LYS A 877 23.51 23.62 -9.87
C LYS A 877 24.74 22.94 -10.48
N PHE A 878 25.82 22.84 -9.69
CA PHE A 878 27.04 22.24 -10.20
C PHE A 878 26.91 20.72 -10.27
N PHE A 879 26.62 20.11 -9.12
CA PHE A 879 26.54 18.64 -9.08
C PHE A 879 25.13 18.19 -9.43
N LYS A 880 24.85 16.91 -9.21
CA LYS A 880 23.53 16.37 -9.50
C LYS A 880 22.79 16.00 -8.22
CA CA B . 20.44 11.94 21.44
#